data_3WLN
#
_entry.id   3WLN
#
_cell.length_a   100.703
_cell.length_b   100.703
_cell.length_c   181.878
_cell.angle_alpha   90.00
_cell.angle_beta   90.00
_cell.angle_gamma   90.00
#
_symmetry.space_group_name_H-M   'P 43 21 2'
#
loop_
_entity.id
_entity.type
_entity.pdbx_description
1 polymer 'Beta-D-glucan exohydrolase isoenzyme ExoI'
2 branched beta-D-mannopyranose-(1-4)-2-acetamido-2-deoxy-beta-D-glucopyranose-(1-4)-2-acetamido-2-deoxy-beta-D-glucopyranose
3 branched 2-acetamido-2-deoxy-beta-D-glucopyranose-(1-2)-beta-D-mannopyranose-(1-6)-beta-D-mannopyranose-(1-4)-2-acetamido-2-deoxy-beta-D-glucopyranose-(1-4)-2-acetamido-2-deoxy-beta-D-glucopyranose
4 branched beta-D-mannopyranose-(1-4)-2-acetamido-2-deoxy-beta-D-glucopyranose-(1-4)-[alpha-L-fucopyranose-(1-3)]2-acetamido-2-deoxy-beta-D-glucopyranose
5 non-polymer 'octyl 1-thio-beta-D-glucopyranoside'
6 water water
#
_entity_poly.entity_id   1
_entity_poly.type   'polypeptide(L)'
_entity_poly.pdbx_seq_one_letter_code
;DYVLYKDATKPVEDRVADLLGRMTLAEKIGQMTQIERLVATPDVLRDNFIGSLLSGGGSVPRKGATAKEWQDMVDGFQKA
CMSTRLGIPMIYGIDAVHGQNNVYGATIFPHNVGLGATRDPYLVKRIGEATALEVRATGIQYAFAPCIAVCRDPRWGRCY
ESYSEDRRIVQSMTELIPGLQGDVPKDFTSGMPFVAGKNKVAACAKHFVGDGGTVDGINENNTIINREGLMNIHMPAYKN
AMDKGVSTVMISYSSWNGVKMHANQDLVTGYLKDTLKFKGFVISDWEGIDRITTPAGSDYSYSVKASILAGLDMIMVPNK
YQQFISILTGHVNGGVIPMSRIDDAVTRILRVKFTMGLFENPYADPAMAEQLGKQEHRDLAREAARKSLVLLKNGKTSTD
APLLPLPKKAPKILVAGSHADNLGYQCGGWTIEWQGDTGRTTVGTTILEAVKAAVDPSTVVVFAENPDAEFVKSGGFSYA
IVAVGEHPYTETKGDNLNLTIPEPGLSTVQAVCGGVRCATVLISGRPVVVQPLLAASDALVAAWLPGSEGQGVTDALFGD
FGFTGRLPRTWFKSVDQLPMNVGDAHYDPLFRLGYGLTTNATKKY
;
_entity_poly.pdbx_strand_id   A
#
loop_
_chem_comp.id
_chem_comp.type
_chem_comp.name
_chem_comp.formula
BMA D-saccharide, beta linking beta-D-mannopyranose 'C6 H12 O6'
FUC L-saccharide, alpha linking alpha-L-fucopyranose 'C6 H12 O5'
NAG D-saccharide, beta linking 2-acetamido-2-deoxy-beta-D-glucopyranose 'C8 H15 N O6'
SOG D-saccharide 'octyl 1-thio-beta-D-glucopyranoside' 'C14 H28 O5 S'
#
# COMPACT_ATOMS: atom_id res chain seq x y z
N ASP A 1 30.52 -27.61 -20.97
CA ASP A 1 31.16 -26.83 -19.89
C ASP A 1 30.30 -26.86 -18.65
N TYR A 2 30.93 -26.82 -17.48
CA TYR A 2 30.21 -26.47 -16.24
C TYR A 2 29.74 -25.01 -16.33
N VAL A 3 28.50 -24.76 -15.87
CA VAL A 3 27.89 -23.43 -15.96
C VAL A 3 27.61 -22.92 -14.54
N LEU A 4 28.48 -22.03 -14.06
CA LEU A 4 28.49 -21.61 -12.66
C LEU A 4 27.15 -21.02 -12.20
N TYR A 5 26.54 -20.16 -13.01
CA TYR A 5 25.33 -19.44 -12.60
C TYR A 5 24.14 -20.36 -12.37
N LYS A 6 24.20 -21.56 -12.93
CA LYS A 6 23.14 -22.55 -12.76
C LYS A 6 23.33 -23.40 -11.50
N ASP A 7 24.47 -23.21 -10.84
CA ASP A 7 24.84 -24.01 -9.68
C ASP A 7 24.33 -23.34 -8.41
N ALA A 8 23.29 -23.93 -7.80
CA ALA A 8 22.65 -23.38 -6.60
C ALA A 8 23.55 -23.23 -5.38
N THR A 9 24.63 -24.01 -5.33
CA THR A 9 25.53 -24.05 -4.18
C THR A 9 26.58 -22.94 -4.17
N LYS A 10 26.60 -22.12 -5.23
CA LYS A 10 27.59 -21.07 -5.41
C LYS A 10 27.12 -19.72 -4.83
N PRO A 11 28.05 -18.87 -4.36
CA PRO A 11 27.67 -17.55 -3.86
C PRO A 11 26.95 -16.71 -4.90
N VAL A 12 26.00 -15.89 -4.44
CA VAL A 12 25.18 -15.04 -5.32
C VAL A 12 26.07 -14.20 -6.25
N GLU A 13 27.06 -13.51 -5.67
CA GLU A 13 27.93 -12.63 -6.45
C GLU A 13 28.64 -13.34 -7.61
N ASP A 14 29.07 -14.58 -7.36
CA ASP A 14 29.70 -15.44 -8.36
C ASP A 14 28.72 -15.82 -9.47
N ARG A 15 27.51 -16.19 -9.09
CA ARG A 15 26.46 -16.54 -10.06
C ARG A 15 26.06 -15.33 -10.89
N VAL A 16 25.92 -14.18 -10.23
CA VAL A 16 25.62 -12.93 -10.94
C VAL A 16 26.67 -12.64 -12.00
N ALA A 17 27.95 -12.69 -11.61
CA ALA A 17 29.06 -12.34 -12.50
C ALA A 17 29.19 -13.33 -13.65
N ASP A 18 28.99 -14.61 -13.33
CA ASP A 18 29.06 -15.65 -14.34
C ASP A 18 27.98 -15.48 -15.41
N LEU A 19 26.75 -15.19 -15.00
CA LEU A 19 25.64 -15.03 -15.93
C LEU A 19 25.77 -13.74 -16.74
N LEU A 20 25.99 -12.62 -16.05
CA LEU A 20 26.21 -11.32 -16.72
C LEU A 20 27.23 -11.45 -17.86
N GLY A 21 28.34 -12.14 -17.59
CA GLY A 21 29.43 -12.29 -18.56
C GLY A 21 29.06 -13.08 -19.81
N ARG A 22 27.91 -13.75 -19.79
CA ARG A 22 27.47 -14.55 -20.93
C ARG A 22 26.41 -13.83 -21.77
N MET A 23 25.90 -12.70 -21.27
CA MET A 23 24.68 -12.08 -21.81
C MET A 23 24.93 -11.13 -22.97
N THR A 24 24.05 -11.18 -23.99
CA THR A 24 24.06 -10.21 -25.10
C THR A 24 23.44 -8.90 -24.63
N LEU A 25 23.62 -7.84 -25.42
CA LEU A 25 22.99 -6.56 -25.13
C LEU A 25 21.47 -6.71 -25.04
N ALA A 26 20.89 -7.43 -25.99
CA ALA A 26 19.44 -7.73 -26.02
C ALA A 26 18.96 -8.39 -24.72
N GLU A 27 19.75 -9.35 -24.23
CA GLU A 27 19.42 -10.11 -23.02
C GLU A 27 19.54 -9.22 -21.78
N LYS A 28 20.53 -8.34 -21.82
CA LYS A 28 20.75 -7.34 -20.77
C LYS A 28 19.62 -6.33 -20.69
N ILE A 29 19.29 -5.71 -21.82
CA ILE A 29 18.19 -4.76 -21.87
C ILE A 29 16.85 -5.43 -21.53
N GLY A 30 16.69 -6.68 -21.98
CA GLY A 30 15.52 -7.49 -21.59
C GLY A 30 15.29 -7.57 -20.10
N GLN A 31 16.35 -7.81 -19.32
CA GLN A 31 16.24 -7.91 -17.86
C GLN A 31 15.74 -6.63 -17.24
N MET A 32 16.09 -5.49 -17.87
CA MET A 32 15.77 -4.16 -17.38
C MET A 32 14.33 -3.77 -17.75
N THR A 33 13.65 -4.64 -18.48
CA THR A 33 12.29 -4.36 -18.95
C THR A 33 11.22 -5.10 -18.13
N GLN A 34 10.30 -4.34 -17.52
CA GLN A 34 9.10 -4.89 -16.90
C GLN A 34 7.87 -4.50 -17.71
N ILE A 35 7.05 -5.50 -18.05
CA ILE A 35 5.86 -5.27 -18.86
C ILE A 35 4.59 -5.76 -18.15
N GLU A 36 3.48 -5.13 -18.48
CA GLU A 36 2.16 -5.53 -18.01
C GLU A 36 1.80 -6.92 -18.56
N ARG A 37 1.20 -7.76 -17.70
CA ARG A 37 0.60 -9.02 -18.19
C ARG A 37 -0.31 -8.79 -19.41
N LEU A 38 -0.94 -7.62 -19.49
CA LEU A 38 -1.88 -7.32 -20.59
C LEU A 38 -1.21 -7.25 -21.96
N VAL A 39 0.10 -6.99 -22.00
CA VAL A 39 0.82 -6.96 -23.29
C VAL A 39 1.74 -8.18 -23.52
N ALA A 40 1.77 -9.07 -22.54
CA ALA A 40 2.69 -10.20 -22.52
C ALA A 40 2.10 -11.41 -23.21
N THR A 41 2.99 -12.15 -23.87
CA THR A 41 2.70 -13.27 -24.73
C THR A 41 3.95 -14.16 -24.59
N PRO A 42 3.81 -15.52 -24.74
CA PRO A 42 5.00 -16.38 -24.72
C PRO A 42 6.12 -15.92 -25.68
N ASP A 43 5.76 -15.62 -26.92
CA ASP A 43 6.71 -15.09 -27.92
C ASP A 43 7.35 -13.77 -27.52
N VAL A 44 6.54 -12.82 -27.02
CA VAL A 44 7.05 -11.51 -26.62
C VAL A 44 8.10 -11.66 -25.53
N LEU A 45 7.79 -12.48 -24.53
CA LEU A 45 8.65 -12.68 -23.37
C LEU A 45 9.95 -13.37 -23.76
N ARG A 46 9.82 -14.36 -24.64
CA ARG A 46 10.96 -15.11 -25.16
C ARG A 46 11.82 -14.22 -26.06
N ASP A 47 11.19 -13.62 -27.08
CA ASP A 47 11.91 -12.87 -28.12
C ASP A 47 12.60 -11.64 -27.58
N ASN A 48 12.00 -11.03 -26.55
CA ASN A 48 12.57 -9.81 -25.98
C ASN A 48 13.34 -10.04 -24.67
N PHE A 49 13.49 -11.31 -24.29
CA PHE A 49 14.26 -11.70 -23.10
C PHE A 49 13.79 -10.93 -21.85
N ILE A 50 12.47 -10.84 -21.68
CA ILE A 50 11.85 -9.94 -20.68
C ILE A 50 12.21 -10.35 -19.24
N GLY A 51 12.57 -9.35 -18.42
CA GLY A 51 13.02 -9.61 -17.07
C GLY A 51 11.94 -9.67 -16.00
N SER A 52 10.81 -9.00 -16.24
CA SER A 52 9.79 -8.85 -15.22
C SER A 52 8.43 -8.60 -15.84
N LEU A 53 7.39 -9.09 -15.16
CA LEU A 53 6.01 -8.71 -15.46
C LEU A 53 5.38 -8.11 -14.23
N LEU A 54 4.28 -7.39 -14.42
CA LEU A 54 3.46 -6.94 -13.31
C LEU A 54 1.98 -6.97 -13.69
N SER A 55 1.13 -6.96 -12.66
CA SER A 55 -0.26 -6.56 -12.79
C SER A 55 -0.30 -5.17 -12.18
N GLY A 56 -0.77 -4.19 -12.95
CA GLY A 56 -1.24 -2.94 -12.38
C GLY A 56 -2.54 -3.14 -11.63
N GLY A 57 -3.00 -2.10 -10.92
CA GLY A 57 -4.30 -2.15 -10.25
C GLY A 57 -5.39 -2.70 -11.15
N GLY A 58 -6.06 -3.77 -10.67
CA GLY A 58 -7.17 -4.41 -11.39
C GLY A 58 -6.79 -5.24 -12.61
N SER A 59 -5.50 -5.47 -12.81
CA SER A 59 -5.03 -6.29 -13.94
C SER A 59 -5.02 -7.74 -13.51
N VAL A 60 -6.09 -8.45 -13.82
CA VAL A 60 -6.35 -9.78 -13.28
C VAL A 60 -6.70 -10.74 -14.44
N PRO A 61 -6.40 -12.04 -14.30
CA PRO A 61 -6.74 -12.98 -15.39
C PRO A 61 -8.26 -13.11 -15.65
N ARG A 62 -9.07 -13.04 -14.59
CA ARG A 62 -10.53 -13.09 -14.70
C ARG A 62 -11.03 -12.43 -13.43
N LYS A 63 -12.23 -11.85 -13.46
CA LYS A 63 -12.95 -11.53 -12.22
C LYS A 63 -13.21 -12.81 -11.46
N GLY A 64 -12.94 -12.78 -10.15
CA GLY A 64 -13.17 -13.93 -9.28
C GLY A 64 -12.21 -15.09 -9.50
N ALA A 65 -11.09 -14.84 -10.18
CA ALA A 65 -10.07 -15.87 -10.43
C ALA A 65 -9.59 -16.46 -9.11
N THR A 66 -9.45 -17.79 -9.08
CA THR A 66 -8.92 -18.52 -7.91
C THR A 66 -7.39 -18.33 -7.79
N ALA A 67 -6.83 -18.65 -6.63
CA ALA A 67 -5.37 -18.65 -6.44
C ALA A 67 -4.66 -19.51 -7.52
N LYS A 68 -5.23 -20.68 -7.83
CA LYS A 68 -4.67 -21.55 -8.89
C LYS A 68 -4.64 -20.90 -10.29
N GLU A 69 -5.73 -20.24 -10.67
CA GLU A 69 -5.76 -19.42 -11.89
C GLU A 69 -4.60 -18.42 -11.97
N TRP A 70 -4.36 -17.71 -10.86
CA TRP A 70 -3.20 -16.80 -10.79
C TRP A 70 -1.89 -17.54 -10.95
N GLN A 71 -1.74 -18.69 -10.28
CA GLN A 71 -0.52 -19.50 -10.40
C GLN A 71 -0.27 -19.97 -11.82
N ASP A 72 -1.32 -20.45 -12.48
CA ASP A 72 -1.25 -20.94 -13.87
C ASP A 72 -0.86 -19.81 -14.80
N MET A 73 -1.42 -18.62 -14.56
CA MET A 73 -1.07 -17.45 -15.34
C MET A 73 0.41 -17.10 -15.21
N VAL A 74 0.87 -16.94 -13.96
CA VAL A 74 2.26 -16.61 -13.68
C VAL A 74 3.21 -17.70 -14.22
N ASP A 75 2.91 -18.97 -13.96
CA ASP A 75 3.70 -20.09 -14.49
C ASP A 75 3.78 -20.11 -16.03
N GLY A 76 2.67 -19.76 -16.70
CA GLY A 76 2.64 -19.68 -18.18
C GLY A 76 3.64 -18.67 -18.71
N PHE A 77 3.69 -17.50 -18.10
CA PHE A 77 4.70 -16.48 -18.36
C PHE A 77 6.13 -16.94 -18.04
N GLN A 78 6.31 -17.56 -16.87
CA GLN A 78 7.60 -18.12 -16.47
C GLN A 78 8.14 -19.16 -17.44
N LYS A 79 7.26 -20.06 -17.91
CA LYS A 79 7.66 -21.10 -18.85
C LYS A 79 8.31 -20.48 -20.06
N ALA A 80 7.71 -19.40 -20.58
CA ALA A 80 8.24 -18.69 -21.73
C ALA A 80 9.63 -18.12 -21.43
N CYS A 81 9.79 -17.44 -20.29
CA CYS A 81 11.08 -16.87 -19.91
C CYS A 81 12.14 -17.96 -19.68
N MET A 82 11.72 -19.10 -19.12
CA MET A 82 12.65 -20.18 -18.88
C MET A 82 13.11 -20.85 -20.17
N SER A 83 12.37 -20.63 -21.26
CA SER A 83 12.69 -21.24 -22.58
C SER A 83 13.74 -20.43 -23.38
N THR A 84 14.14 -19.27 -22.89
CA THR A 84 15.19 -18.50 -23.53
C THR A 84 16.53 -19.26 -23.46
N ARG A 85 17.48 -18.83 -24.29
CA ARG A 85 18.83 -19.38 -24.31
C ARG A 85 19.45 -19.51 -22.90
N LEU A 86 19.30 -18.46 -22.08
CA LEU A 86 19.90 -18.45 -20.75
C LEU A 86 18.95 -18.92 -19.64
N GLY A 87 17.65 -18.96 -19.95
CA GLY A 87 16.64 -19.39 -18.99
C GLY A 87 16.63 -18.55 -17.71
N ILE A 88 16.66 -17.23 -17.85
CA ILE A 88 16.59 -16.36 -16.68
C ILE A 88 15.12 -16.21 -16.29
N PRO A 89 14.75 -16.65 -15.07
CA PRO A 89 13.35 -16.53 -14.68
C PRO A 89 12.90 -15.07 -14.55
N MET A 90 11.66 -14.77 -14.94
CA MET A 90 11.10 -13.45 -14.71
C MET A 90 10.69 -13.34 -13.24
N ILE A 91 10.62 -12.12 -12.74
CA ILE A 91 10.03 -11.81 -11.44
C ILE A 91 8.71 -11.09 -11.70
N TYR A 92 7.63 -11.54 -11.04
CA TYR A 92 6.31 -10.96 -11.27
C TYR A 92 5.97 -10.06 -10.10
N GLY A 93 5.63 -8.79 -10.38
CA GLY A 93 5.29 -7.85 -9.33
C GLY A 93 3.82 -7.44 -9.27
N ILE A 94 3.40 -7.02 -8.09
CA ILE A 94 2.02 -6.59 -7.90
C ILE A 94 1.93 -5.63 -6.71
N ASP A 95 0.94 -4.74 -6.76
CA ASP A 95 0.62 -3.90 -5.60
C ASP A 95 -0.18 -4.70 -4.58
N ALA A 96 0.54 -5.41 -3.72
CA ALA A 96 -0.06 -6.04 -2.55
C ALA A 96 0.28 -5.09 -1.42
N VAL A 97 -0.62 -4.12 -1.20
CA VAL A 97 -0.32 -2.99 -0.32
C VAL A 97 -1.15 -2.98 0.97
N HIS A 98 -2.20 -3.81 1.02
CA HIS A 98 -2.93 -4.07 2.28
C HIS A 98 -3.54 -5.45 2.17
N GLY A 99 -2.65 -6.42 2.10
CA GLY A 99 -3.00 -7.75 1.63
C GLY A 99 -2.72 -7.86 0.15
N GLN A 100 -3.07 -9.02 -0.41
CA GLN A 100 -2.93 -9.30 -1.84
C GLN A 100 -4.19 -8.77 -2.53
N ASN A 101 -4.32 -7.46 -2.48
CA ASN A 101 -5.58 -6.74 -2.66
C ASN A 101 -6.25 -6.77 -4.05
N ASN A 102 -5.50 -7.17 -5.09
CA ASN A 102 -6.08 -7.31 -6.43
C ASN A 102 -6.91 -8.59 -6.56
N VAL A 103 -6.70 -9.52 -5.64
CA VAL A 103 -7.14 -10.90 -5.77
C VAL A 103 -8.43 -11.13 -5.02
N TYR A 104 -9.39 -11.77 -5.68
CA TYR A 104 -10.67 -12.06 -5.08
C TYR A 104 -10.46 -13.08 -3.94
N GLY A 105 -11.05 -12.79 -2.78
CA GLY A 105 -10.93 -13.69 -1.64
C GLY A 105 -9.67 -13.54 -0.83
N ALA A 106 -8.79 -12.63 -1.24
CA ALA A 106 -7.62 -12.26 -0.44
C ALA A 106 -8.03 -11.50 0.83
N THR A 107 -7.35 -11.75 1.93
CA THR A 107 -7.53 -10.99 3.16
C THR A 107 -7.17 -9.54 2.89
N ILE A 108 -8.09 -8.61 3.21
CA ILE A 108 -7.82 -7.18 3.04
C ILE A 108 -7.54 -6.54 4.41
N PHE A 109 -6.29 -6.10 4.60
CA PHE A 109 -5.85 -5.49 5.85
C PHE A 109 -6.18 -4.00 5.85
N PRO A 110 -6.20 -3.36 7.04
CA PRO A 110 -6.34 -1.91 7.08
C PRO A 110 -5.23 -1.24 6.30
N HIS A 111 -5.57 -0.14 5.61
CA HIS A 111 -4.59 0.69 4.93
C HIS A 111 -3.61 1.32 5.91
N ASN A 112 -2.45 1.73 5.39
CA ASN A 112 -1.36 2.21 6.21
C ASN A 112 -1.66 3.23 7.29
N VAL A 113 -2.47 4.26 6.98
CA VAL A 113 -2.77 5.28 7.99
C VAL A 113 -3.34 4.66 9.27
N GLY A 114 -4.21 3.66 9.11
CA GLY A 114 -4.79 2.98 10.25
C GLY A 114 -3.77 2.13 10.96
N LEU A 115 -2.88 1.51 10.18
CA LEU A 115 -1.74 0.79 10.78
C LEU A 115 -0.85 1.71 11.63
N GLY A 116 -0.59 2.92 11.15
CA GLY A 116 0.12 3.93 11.95
C GLY A 116 -0.56 4.25 13.26
N ALA A 117 -1.89 4.24 13.28
CA ALA A 117 -2.66 4.50 14.51
C ALA A 117 -2.46 3.43 15.58
N THR A 118 -2.02 2.24 15.16
CA THR A 118 -1.88 1.12 16.08
C THR A 118 -0.61 1.26 16.92
N ARG A 119 0.36 2.04 16.42
CA ARG A 119 1.71 2.10 17.02
C ARG A 119 2.32 0.72 17.34
N ASP A 120 2.02 -0.28 16.51
CA ASP A 120 2.41 -1.66 16.79
C ASP A 120 3.20 -2.21 15.58
N PRO A 121 4.53 -2.00 15.56
CA PRO A 121 5.35 -2.45 14.45
C PRO A 121 5.36 -3.98 14.29
N TYR A 122 5.24 -4.73 15.38
CA TYR A 122 5.16 -6.19 15.35
C TYR A 122 3.86 -6.70 14.71
N LEU A 123 2.73 -6.04 14.99
CA LEU A 123 1.49 -6.29 14.25
C LEU A 123 1.72 -6.08 12.75
N VAL A 124 2.39 -4.99 12.39
CA VAL A 124 2.69 -4.71 10.99
C VAL A 124 3.63 -5.76 10.37
N LYS A 125 4.60 -6.23 11.15
CA LYS A 125 5.48 -7.31 10.69
C LYS A 125 4.64 -8.55 10.36
N ARG A 126 3.72 -8.90 11.27
CA ARG A 126 2.85 -10.07 11.08
C ARG A 126 1.94 -9.94 9.82
N ILE A 127 1.45 -8.73 9.58
CA ILE A 127 0.69 -8.42 8.36
C ILE A 127 1.56 -8.69 7.12
N GLY A 128 2.82 -8.23 7.16
CA GLY A 128 3.81 -8.49 6.10
C GLY A 128 3.99 -9.98 5.92
N GLU A 129 4.08 -10.71 7.03
CA GLU A 129 4.20 -12.16 6.96
C GLU A 129 3.00 -12.82 6.29
N ALA A 130 1.78 -12.44 6.71
CA ALA A 130 0.54 -12.98 6.13
C ALA A 130 0.41 -12.61 4.68
N THR A 131 0.78 -11.37 4.34
CA THR A 131 0.72 -10.85 2.98
C THR A 131 1.66 -11.62 2.04
N ALA A 132 2.89 -11.91 2.48
CA ALA A 132 3.82 -12.74 1.69
C ALA A 132 3.20 -14.10 1.31
N LEU A 133 2.54 -14.73 2.28
CA LEU A 133 1.90 -16.03 2.06
C LEU A 133 0.76 -15.96 1.04
N GLU A 134 -0.08 -14.94 1.14
CA GLU A 134 -1.20 -14.75 0.21
C GLU A 134 -0.78 -14.32 -1.20
N VAL A 135 0.31 -13.56 -1.29
CA VAL A 135 0.92 -13.22 -2.59
C VAL A 135 1.52 -14.50 -3.22
N ARG A 136 2.24 -15.29 -2.43
CA ARG A 136 2.80 -16.56 -2.93
C ARG A 136 1.71 -17.60 -3.26
N ALA A 137 0.56 -17.50 -2.58
CA ALA A 137 -0.60 -18.35 -2.86
C ALA A 137 -1.03 -18.20 -4.33
N THR A 138 -0.79 -17.02 -4.87
CA THR A 138 -1.14 -16.65 -6.25
C THR A 138 0.05 -16.77 -7.22
N GLY A 139 1.17 -17.33 -6.75
CA GLY A 139 2.36 -17.52 -7.60
C GLY A 139 3.19 -16.27 -7.82
N ILE A 140 2.90 -15.19 -7.10
CA ILE A 140 3.61 -13.93 -7.33
C ILE A 140 4.75 -13.78 -6.32
N GLN A 141 5.88 -13.22 -6.77
CA GLN A 141 7.12 -13.22 -5.97
C GLN A 141 7.57 -11.85 -5.45
N TYR A 142 6.80 -10.80 -5.74
CA TYR A 142 7.28 -9.43 -5.55
C TYR A 142 6.08 -8.51 -5.27
N ALA A 143 6.10 -7.86 -4.11
CA ALA A 143 5.07 -6.88 -3.73
C ALA A 143 5.65 -5.47 -3.75
N PHE A 144 4.93 -4.54 -4.40
CA PHE A 144 5.30 -3.12 -4.37
C PHE A 144 4.90 -2.45 -3.05
N ALA A 145 5.56 -2.82 -1.97
CA ALA A 145 5.25 -2.36 -0.61
C ALA A 145 6.49 -2.57 0.25
N PRO A 146 6.69 -1.73 1.30
CA PRO A 146 5.81 -0.65 1.82
C PRO A 146 5.95 0.72 1.15
N CYS A 147 4.84 1.42 1.00
CA CYS A 147 4.87 2.86 0.80
C CYS A 147 5.34 3.49 2.11
N ILE A 148 6.54 4.06 2.09
CA ILE A 148 7.10 4.77 3.24
C ILE A 148 7.10 6.30 3.05
N ALA A 149 6.17 6.80 2.24
CA ALA A 149 5.87 8.24 2.20
C ALA A 149 5.53 8.73 3.59
N VAL A 150 5.96 9.95 3.89
CA VAL A 150 5.56 10.67 5.08
C VAL A 150 4.60 11.75 4.58
N CYS A 151 3.30 11.47 4.63
CA CYS A 151 2.27 12.42 4.17
C CYS A 151 2.20 13.63 5.08
N ARG A 152 2.58 14.77 4.51
CA ARG A 152 2.68 16.04 5.24
C ARG A 152 1.48 16.95 4.96
N ASP A 153 0.54 16.48 4.13
CA ASP A 153 -0.65 17.26 3.75
C ASP A 153 -1.78 16.29 3.33
N PRO A 154 -2.86 16.20 4.15
CA PRO A 154 -3.91 15.18 3.92
C PRO A 154 -4.75 15.41 2.65
N ARG A 155 -4.55 16.52 1.96
CA ARG A 155 -5.19 16.75 0.67
C ARG A 155 -4.63 15.81 -0.42
N TRP A 156 -3.53 15.13 -0.11
CA TRP A 156 -2.93 14.16 -1.00
C TRP A 156 -3.79 12.89 -1.09
N GLY A 157 -4.06 12.44 -2.31
CA GLY A 157 -4.87 11.24 -2.53
C GLY A 157 -4.25 9.95 -2.06
N ARG A 158 -2.96 9.99 -1.72
CA ARG A 158 -2.27 8.80 -1.22
C ARG A 158 -1.90 8.91 0.25
N CYS A 159 -2.48 9.89 0.94
CA CYS A 159 -2.23 10.05 2.37
C CYS A 159 -2.52 8.77 3.17
N TYR A 160 -3.55 8.02 2.76
CA TYR A 160 -3.86 6.75 3.44
C TYR A 160 -2.78 5.68 3.31
N GLU A 161 -1.94 5.79 2.27
CA GLU A 161 -0.84 4.86 2.06
C GLU A 161 0.39 5.22 2.89
N SER A 162 0.29 6.29 3.68
CA SER A 162 1.35 6.70 4.58
C SER A 162 0.98 6.36 6.02
N TYR A 163 1.89 5.71 6.74
CA TYR A 163 1.64 5.36 8.14
C TYR A 163 1.46 6.57 9.04
N SER A 164 2.13 7.67 8.72
CA SER A 164 2.10 8.86 9.59
C SER A 164 2.68 10.09 8.93
N GLU A 165 2.31 11.26 9.45
CA GLU A 165 2.99 12.52 9.14
C GLU A 165 4.32 12.62 9.92
N ASP A 166 4.51 11.71 10.87
CA ASP A 166 5.70 11.66 11.70
C ASP A 166 6.63 10.56 11.19
N ARG A 167 7.78 10.96 10.66
CA ARG A 167 8.79 10.05 10.13
C ARG A 167 9.18 8.92 11.09
N ARG A 168 9.17 9.22 12.39
CA ARG A 168 9.52 8.21 13.40
C ARG A 168 8.53 7.05 13.42
N ILE A 169 7.26 7.35 13.16
CA ILE A 169 6.25 6.30 13.09
C ILE A 169 6.43 5.52 11.78
N VAL A 170 6.66 6.25 10.69
CA VAL A 170 6.94 5.58 9.41
C VAL A 170 8.16 4.67 9.54
N GLN A 171 9.24 5.19 10.12
CA GLN A 171 10.43 4.38 10.44
C GLN A 171 10.13 3.08 11.17
N SER A 172 9.32 3.15 12.23
CA SER A 172 8.96 1.97 13.02
C SER A 172 8.21 0.93 12.20
N MET A 173 7.38 1.41 11.27
CA MET A 173 6.54 0.54 10.45
C MET A 173 7.28 -0.14 9.28
N THR A 174 8.56 0.19 9.09
CA THR A 174 9.40 -0.54 8.13
C THR A 174 9.54 -2.03 8.49
N GLU A 175 8.97 -2.43 9.64
CA GLU A 175 8.90 -3.84 10.03
C GLU A 175 8.06 -4.68 9.05
N LEU A 176 7.29 -4.03 8.18
CA LEU A 176 6.61 -4.72 7.09
C LEU A 176 7.61 -5.46 6.20
N ILE A 177 8.81 -4.86 6.06
CA ILE A 177 9.85 -5.40 5.20
C ILE A 177 10.31 -6.80 5.61
N PRO A 178 10.86 -6.99 6.85
CA PRO A 178 11.21 -8.37 7.24
C PRO A 178 10.01 -9.30 7.42
N GLY A 179 8.80 -8.76 7.54
CA GLY A 179 7.59 -9.58 7.46
C GLY A 179 7.41 -10.17 6.07
N LEU A 180 7.43 -9.29 5.05
CA LEU A 180 7.31 -9.71 3.66
C LEU A 180 8.47 -10.59 3.19
N GLN A 181 9.69 -10.21 3.57
CA GLN A 181 10.91 -10.83 3.03
C GLN A 181 11.54 -11.88 3.92
N GLY A 182 11.23 -11.85 5.22
CA GLY A 182 11.97 -12.65 6.19
C GLY A 182 13.02 -11.79 6.89
N ASP A 183 13.37 -12.17 8.11
CA ASP A 183 14.39 -11.47 8.89
C ASP A 183 15.76 -11.68 8.28
N VAL A 184 16.56 -10.62 8.22
CA VAL A 184 17.94 -10.73 7.73
C VAL A 184 18.83 -11.45 8.76
N PRO A 185 19.92 -12.07 8.28
CA PRO A 185 20.94 -12.67 9.15
C PRO A 185 21.57 -11.69 10.15
N LYS A 186 22.19 -12.25 11.19
CA LYS A 186 22.92 -11.49 12.20
C LYS A 186 24.03 -10.64 11.55
N ASP A 187 24.73 -11.26 10.61
CA ASP A 187 25.86 -10.66 9.90
C ASP A 187 25.53 -9.52 8.89
N PHE A 188 24.23 -9.28 8.66
CA PHE A 188 23.75 -8.58 7.46
C PHE A 188 24.34 -7.19 7.17
N THR A 189 24.77 -6.98 5.93
CA THR A 189 25.25 -5.67 5.49
C THR A 189 24.12 -4.75 4.99
N SER A 190 23.90 -3.65 5.71
CA SER A 190 22.90 -2.65 5.33
C SER A 190 22.98 -2.29 3.84
N GLY A 191 21.83 -2.29 3.17
CA GLY A 191 21.76 -1.97 1.74
C GLY A 191 21.77 -3.17 0.81
N MET A 192 22.15 -4.34 1.32
CA MET A 192 22.08 -5.58 0.54
C MET A 192 20.63 -6.05 0.41
N PRO A 193 20.27 -6.65 -0.74
CA PRO A 193 18.88 -7.16 -0.84
C PRO A 193 18.76 -8.48 -0.08
N PHE A 194 17.54 -8.83 0.32
CA PHE A 194 17.27 -10.09 1.02
C PHE A 194 15.85 -10.59 0.83
N VAL A 195 15.71 -11.88 0.55
CA VAL A 195 14.44 -12.59 0.64
C VAL A 195 14.81 -13.99 1.11
N ALA A 196 14.05 -14.51 2.09
CA ALA A 196 14.40 -15.77 2.76
C ALA A 196 14.27 -17.00 1.88
N GLY A 197 13.30 -17.00 0.97
CA GLY A 197 13.07 -18.15 0.12
C GLY A 197 11.71 -18.10 -0.53
N LYS A 198 11.22 -19.28 -0.94
CA LYS A 198 10.04 -19.40 -1.79
C LYS A 198 8.74 -19.05 -1.10
N ASN A 199 8.75 -19.01 0.23
CA ASN A 199 7.55 -18.63 0.99
C ASN A 199 7.47 -17.14 1.34
N LYS A 200 8.46 -16.38 0.86
CA LYS A 200 8.56 -14.93 1.07
C LYS A 200 8.58 -14.23 -0.28
N VAL A 201 8.40 -12.92 -0.27
CA VAL A 201 8.41 -12.11 -1.50
C VAL A 201 9.46 -11.00 -1.40
N ALA A 202 9.92 -10.49 -2.55
CA ALA A 202 10.69 -9.26 -2.61
C ALA A 202 9.79 -8.08 -2.24
N ALA A 203 10.31 -7.17 -1.42
CA ALA A 203 9.60 -5.95 -1.06
C ALA A 203 10.13 -4.77 -1.86
N CYS A 204 9.52 -3.62 -1.66
CA CYS A 204 9.81 -2.42 -2.42
C CYS A 204 9.52 -1.18 -1.56
N ALA A 205 10.58 -0.53 -1.07
CA ALA A 205 10.41 0.75 -0.39
C ALA A 205 10.07 1.81 -1.45
N LYS A 206 8.91 2.45 -1.29
CA LYS A 206 8.46 3.45 -2.26
C LYS A 206 7.82 4.69 -1.58
N HIS A 207 7.70 5.84 -2.28
CA HIS A 207 8.31 6.13 -3.58
C HIS A 207 9.41 7.17 -3.35
N PHE A 208 10.63 6.81 -3.74
CA PHE A 208 11.85 7.58 -3.45
C PHE A 208 11.95 8.83 -4.34
N VAL A 209 12.01 10.04 -3.75
CA VAL A 209 11.83 10.32 -2.31
C VAL A 209 11.07 11.65 -2.18
N GLY A 210 10.30 11.79 -1.09
CA GLY A 210 9.57 13.03 -0.76
C GLY A 210 8.21 13.10 -1.46
N ASP A 211 7.72 11.93 -1.86
CA ASP A 211 6.37 11.77 -2.42
C ASP A 211 5.25 12.34 -1.55
N GLY A 212 5.47 12.27 -0.22
CA GLY A 212 4.51 12.82 0.76
C GLY A 212 4.66 14.31 1.04
N GLY A 213 5.58 15.00 0.36
CA GLY A 213 5.84 16.40 0.65
C GLY A 213 5.46 17.40 -0.44
N THR A 214 4.60 16.99 -1.37
CA THR A 214 4.27 17.84 -2.53
C THR A 214 3.41 19.06 -2.15
N VAL A 215 3.58 20.15 -2.88
CA VAL A 215 2.81 21.38 -2.61
C VAL A 215 1.30 21.09 -2.73
N ASP A 216 0.56 21.55 -1.70
CA ASP A 216 -0.90 21.38 -1.62
C ASP A 216 -1.36 19.92 -1.66
N GLY A 217 -0.44 19.00 -1.34
CA GLY A 217 -0.67 17.56 -1.44
C GLY A 217 -1.03 17.12 -2.85
N ILE A 218 -0.56 17.85 -3.86
CA ILE A 218 -0.87 17.50 -5.26
C ILE A 218 -0.05 16.26 -5.65
N ASN A 219 -0.75 15.20 -6.03
CA ASN A 219 -0.10 13.94 -6.36
C ASN A 219 0.85 14.10 -7.54
N GLU A 220 2.05 13.52 -7.41
CA GLU A 220 3.07 13.52 -8.46
C GLU A 220 3.71 14.90 -8.67
N ASN A 221 3.50 15.83 -7.74
CA ASN A 221 3.90 17.23 -7.96
C ASN A 221 5.29 17.58 -7.39
N ASN A 222 5.52 18.87 -7.12
CA ASN A 222 6.82 19.33 -6.65
C ASN A 222 6.88 19.34 -5.12
N THR A 223 7.93 18.74 -4.56
CA THR A 223 8.22 18.85 -3.15
C THR A 223 9.27 19.95 -2.98
N ILE A 224 8.86 21.07 -2.38
CA ILE A 224 9.72 22.23 -2.18
C ILE A 224 10.17 22.29 -0.71
N ILE A 225 11.40 21.85 -0.48
CA ILE A 225 11.98 21.72 0.86
C ILE A 225 13.52 21.66 0.71
N ASN A 226 14.25 22.29 1.63
CA ASN A 226 15.72 22.23 1.59
C ASN A 226 16.24 20.80 1.86
N ARG A 227 17.53 20.57 1.60
CA ARG A 227 18.13 19.24 1.79
C ARG A 227 17.97 18.76 3.23
N GLU A 228 18.15 19.66 4.20
CA GLU A 228 17.99 19.33 5.62
C GLU A 228 16.61 18.72 5.91
N GLY A 229 15.55 19.35 5.39
CA GLY A 229 14.17 18.91 5.60
C GLY A 229 13.83 17.63 4.87
N LEU A 230 14.37 17.49 3.66
CA LEU A 230 14.27 16.24 2.90
C LEU A 230 14.90 15.11 3.72
N MET A 231 16.10 15.35 4.23
CA MET A 231 16.86 14.34 4.95
C MET A 231 16.31 13.97 6.33
N ASN A 232 15.63 14.90 7.00
CA ASN A 232 15.13 14.58 8.33
C ASN A 232 13.64 14.21 8.41
N ILE A 233 12.90 14.48 7.32
CA ILE A 233 11.50 14.05 7.21
C ILE A 233 11.33 12.86 6.27
N HIS A 234 11.75 13.03 5.02
CA HIS A 234 11.31 12.13 3.95
C HIS A 234 12.25 10.96 3.67
N MET A 235 13.52 11.14 4.06
CA MET A 235 14.56 10.16 3.83
C MET A 235 14.72 9.10 4.94
N PRO A 236 14.63 9.49 6.24
CA PRO A 236 15.00 8.54 7.30
C PRO A 236 14.57 7.08 7.14
N ALA A 237 13.33 6.81 6.75
CA ALA A 237 12.82 5.45 6.67
C ALA A 237 13.49 4.60 5.56
N TYR A 238 14.09 5.28 4.57
CA TYR A 238 14.86 4.57 3.53
C TYR A 238 16.09 3.91 4.12
N LYS A 239 16.72 4.57 5.10
CA LYS A 239 17.86 4.00 5.80
C LYS A 239 17.45 2.78 6.65
N ASN A 240 16.30 2.87 7.33
CA ASN A 240 15.74 1.68 8.01
C ASN A 240 15.47 0.53 7.04
N ALA A 241 14.91 0.84 5.87
CA ALA A 241 14.70 -0.15 4.81
C ALA A 241 16.03 -0.80 4.39
N MET A 242 17.09 -0.01 4.26
CA MET A 242 18.42 -0.54 3.93
C MET A 242 18.90 -1.54 4.97
N ASP A 243 18.75 -1.16 6.25
CA ASP A 243 19.15 -2.01 7.37
C ASP A 243 18.39 -3.33 7.42
N LYS A 244 17.15 -3.34 6.91
CA LYS A 244 16.29 -4.53 6.92
C LYS A 244 16.35 -5.33 5.60
N GLY A 245 17.22 -4.91 4.70
CA GLY A 245 17.46 -5.64 3.46
C GLY A 245 16.36 -5.56 2.42
N VAL A 246 15.66 -4.42 2.33
CA VAL A 246 14.66 -4.23 1.27
C VAL A 246 15.31 -4.52 -0.10
N SER A 247 14.61 -5.30 -0.93
CA SER A 247 15.18 -5.83 -2.17
C SER A 247 15.19 -4.82 -3.32
N THR A 248 14.15 -3.97 -3.34
CA THR A 248 13.96 -2.99 -4.39
C THR A 248 13.51 -1.63 -3.82
N VAL A 249 13.73 -0.58 -4.60
CA VAL A 249 13.22 0.75 -4.32
C VAL A 249 12.54 1.29 -5.59
N MET A 250 11.30 1.74 -5.47
CA MET A 250 10.64 2.41 -6.59
C MET A 250 10.80 3.92 -6.50
N ILE A 251 11.13 4.53 -7.62
CA ILE A 251 11.27 5.99 -7.70
C ILE A 251 9.90 6.69 -7.79
N SER A 252 9.81 7.87 -7.19
CA SER A 252 8.61 8.69 -7.19
C SER A 252 8.38 9.48 -8.49
N TYR A 253 7.11 9.59 -8.89
CA TYR A 253 6.69 10.54 -9.93
C TYR A 253 7.00 11.99 -9.57
N SER A 254 7.02 12.28 -8.26
CA SER A 254 7.19 13.65 -7.76
C SER A 254 8.55 14.23 -8.11
N SER A 255 8.65 15.56 -7.99
CA SER A 255 9.92 16.25 -8.17
C SER A 255 10.42 16.76 -6.81
N TRP A 256 11.72 17.00 -6.72
CA TRP A 256 12.30 17.67 -5.55
C TRP A 256 12.96 18.99 -5.96
N ASN A 257 12.37 20.11 -5.51
CA ASN A 257 12.85 21.43 -5.88
C ASN A 257 12.92 21.57 -7.42
N GLY A 258 11.88 21.04 -8.07
CA GLY A 258 11.73 21.14 -9.52
C GLY A 258 12.46 20.08 -10.34
N VAL A 259 13.19 19.17 -9.68
CA VAL A 259 13.89 18.12 -10.42
C VAL A 259 13.11 16.80 -10.25
N LYS A 260 12.72 16.24 -11.39
CA LYS A 260 12.01 14.98 -11.46
C LYS A 260 12.84 13.92 -10.77
N MET A 261 12.25 13.22 -9.81
CA MET A 261 12.92 12.08 -9.17
C MET A 261 13.46 11.06 -10.19
N HIS A 262 12.67 10.79 -11.24
CA HIS A 262 13.06 9.82 -12.27
C HIS A 262 14.27 10.26 -13.12
N ALA A 263 14.70 11.52 -12.97
CA ALA A 263 15.88 12.07 -13.66
C ALA A 263 16.99 12.51 -12.69
N ASN A 264 16.77 12.34 -11.38
CA ASN A 264 17.72 12.82 -10.37
C ASN A 264 18.87 11.86 -10.08
N GLN A 265 19.98 12.04 -10.78
CA GLN A 265 21.16 11.20 -10.62
C GLN A 265 21.81 11.38 -9.25
N ASP A 266 21.81 12.63 -8.78
CA ASP A 266 22.34 12.94 -7.45
C ASP A 266 21.70 12.14 -6.33
N LEU A 267 20.37 12.05 -6.34
CA LEU A 267 19.66 11.29 -5.30
C LEU A 267 19.65 9.77 -5.54
N VAL A 268 19.40 9.33 -6.77
CA VAL A 268 19.28 7.89 -7.05
C VAL A 268 20.65 7.19 -7.01
N THR A 269 21.64 7.78 -7.69
CA THR A 269 22.98 7.21 -7.72
C THR A 269 23.82 7.77 -6.58
N GLY A 270 23.91 9.10 -6.51
CA GLY A 270 24.74 9.77 -5.51
C GLY A 270 24.37 9.40 -4.09
N TYR A 271 23.07 9.40 -3.79
CA TYR A 271 22.62 9.10 -2.43
C TYR A 271 22.19 7.64 -2.20
N LEU A 272 21.13 7.20 -2.87
CA LEU A 272 20.58 5.88 -2.61
C LEU A 272 21.63 4.79 -2.81
N LYS A 273 22.27 4.78 -3.99
CA LYS A 273 23.28 3.75 -4.30
C LYS A 273 24.64 3.96 -3.63
N ASP A 274 25.24 5.15 -3.79
CA ASP A 274 26.63 5.40 -3.38
C ASP A 274 26.82 5.77 -1.91
N THR A 275 25.77 6.33 -1.29
CA THR A 275 25.85 6.76 0.12
C THR A 275 25.16 5.75 1.06
N LEU A 276 23.92 5.37 0.73
CA LEU A 276 23.20 4.36 1.50
C LEU A 276 23.65 2.92 1.16
N LYS A 277 24.45 2.80 0.11
CA LYS A 277 25.04 1.52 -0.31
C LYS A 277 23.96 0.49 -0.69
N PHE A 278 22.86 0.97 -1.29
CA PHE A 278 21.81 0.09 -1.80
C PHE A 278 22.35 -0.77 -2.95
N LYS A 279 22.21 -2.08 -2.79
CA LYS A 279 22.74 -3.07 -3.72
C LYS A 279 21.63 -3.88 -4.41
N GLY A 280 20.37 -3.59 -4.06
CA GLY A 280 19.23 -4.18 -4.74
C GLY A 280 18.99 -3.44 -6.05
N PHE A 281 17.82 -3.59 -6.65
CA PHE A 281 17.50 -2.84 -7.86
C PHE A 281 16.51 -1.70 -7.70
N VAL A 282 16.71 -0.67 -8.51
CA VAL A 282 15.88 0.52 -8.51
C VAL A 282 14.90 0.43 -9.68
N ILE A 283 13.61 0.54 -9.36
CA ILE A 283 12.58 0.42 -10.37
C ILE A 283 11.86 1.76 -10.57
N SER A 284 11.47 2.05 -11.81
CA SER A 284 10.61 3.19 -12.08
C SER A 284 9.18 2.93 -11.58
N ASP A 285 8.40 4.00 -11.52
CA ASP A 285 6.98 3.86 -11.40
C ASP A 285 6.38 3.73 -12.81
N TRP A 286 5.06 3.53 -12.85
CA TRP A 286 4.31 3.21 -14.04
C TRP A 286 4.31 4.39 -14.99
N GLU A 287 5.00 4.25 -16.12
CA GLU A 287 5.22 5.37 -17.05
C GLU A 287 5.95 6.54 -16.40
N GLY A 288 6.70 6.25 -15.34
CA GLY A 288 7.40 7.29 -14.59
C GLY A 288 8.43 8.04 -15.43
N ILE A 289 9.18 7.31 -16.25
CA ILE A 289 10.14 7.94 -17.16
C ILE A 289 9.45 8.83 -18.22
N ASP A 290 8.27 8.41 -18.70
CA ASP A 290 7.46 9.19 -19.65
C ASP A 290 7.13 10.57 -19.09
N ARG A 291 6.85 10.59 -17.78
CA ARG A 291 6.36 11.77 -17.10
C ARG A 291 7.45 12.75 -16.67
N ILE A 292 8.71 12.42 -16.99
CA ILE A 292 9.83 13.35 -16.80
C ILE A 292 9.60 14.60 -17.64
N THR A 293 9.09 14.41 -18.86
CA THR A 293 8.80 15.51 -19.78
C THR A 293 7.38 16.03 -19.66
N THR A 294 7.17 17.24 -20.19
CA THR A 294 5.87 17.87 -20.32
C THR A 294 5.65 18.27 -21.79
N PRO A 295 4.58 17.75 -22.43
CA PRO A 295 3.69 16.70 -21.90
C PRO A 295 4.39 15.34 -21.70
N ALA A 296 3.76 14.46 -20.91
CA ALA A 296 4.32 13.13 -20.66
C ALA A 296 4.49 12.37 -21.97
N GLY A 297 5.60 11.64 -22.08
CA GLY A 297 5.90 10.83 -23.27
C GLY A 297 6.23 11.60 -24.55
N SER A 298 6.43 12.92 -24.47
CA SER A 298 6.67 13.74 -25.66
C SER A 298 8.12 13.70 -26.18
N ASP A 299 9.03 13.18 -25.37
CA ASP A 299 10.40 12.93 -25.80
C ASP A 299 10.91 11.67 -25.11
N TYR A 300 10.48 10.52 -25.63
CA TYR A 300 10.71 9.26 -24.93
C TYR A 300 12.18 8.86 -24.97
N SER A 301 12.88 9.31 -26.01
CA SER A 301 14.32 9.13 -26.13
C SER A 301 15.07 9.81 -24.97
N TYR A 302 14.71 11.06 -24.67
CA TYR A 302 15.20 11.76 -23.47
C TYR A 302 14.79 11.05 -22.18
N SER A 303 13.53 10.63 -22.10
CA SER A 303 13.02 9.87 -20.94
C SER A 303 13.90 8.67 -20.59
N VAL A 304 14.27 7.90 -21.61
CA VAL A 304 15.12 6.70 -21.44
C VAL A 304 16.54 7.10 -21.04
N LYS A 305 17.13 8.02 -21.79
CA LYS A 305 18.47 8.54 -21.48
C LYS A 305 18.57 9.07 -20.04
N ALA A 306 17.67 9.97 -19.67
CA ALA A 306 17.70 10.65 -18.37
C ALA A 306 17.48 9.71 -17.18
N SER A 307 16.55 8.77 -17.32
CA SER A 307 16.25 7.84 -16.23
C SER A 307 17.38 6.82 -16.04
N ILE A 308 17.87 6.28 -17.14
CA ILE A 308 18.90 5.25 -17.09
C ILE A 308 20.22 5.85 -16.63
N LEU A 309 20.58 7.03 -17.16
CA LEU A 309 21.74 7.77 -16.67
C LEU A 309 21.60 8.21 -15.20
N ALA A 310 20.37 8.47 -14.76
CA ALA A 310 20.12 8.82 -13.35
C ALA A 310 20.42 7.65 -12.41
N GLY A 311 20.30 6.42 -12.92
CA GLY A 311 20.67 5.24 -12.15
C GLY A 311 19.57 4.22 -11.92
N LEU A 312 18.44 4.38 -12.61
CA LEU A 312 17.35 3.41 -12.51
C LEU A 312 17.77 2.12 -13.20
N ASP A 313 17.35 0.98 -12.65
CA ASP A 313 17.81 -0.32 -13.14
C ASP A 313 16.76 -1.05 -13.97
N MET A 314 15.50 -1.02 -13.48
CA MET A 314 14.36 -1.67 -14.14
C MET A 314 13.26 -0.63 -14.43
N ILE A 315 12.76 -0.64 -15.67
CA ILE A 315 11.70 0.27 -16.07
C ILE A 315 10.37 -0.47 -16.17
N MET A 316 9.43 0.00 -15.34
CA MET A 316 8.04 -0.37 -15.43
C MET A 316 7.46 0.36 -16.64
N VAL A 317 7.54 -0.28 -17.81
CA VAL A 317 7.28 0.43 -19.08
C VAL A 317 5.88 1.15 -19.11
N PRO A 318 4.76 0.42 -18.91
CA PRO A 318 4.63 -1.03 -18.81
C PRO A 318 4.14 -1.68 -20.12
N ASN A 319 3.77 -0.86 -21.10
CA ASN A 319 3.07 -1.36 -22.29
C ASN A 319 3.94 -1.38 -23.53
N LYS A 320 4.53 -0.22 -23.83
CA LYS A 320 5.24 -0.04 -25.09
C LYS A 320 6.70 -0.46 -24.95
N TYR A 321 6.92 -1.75 -24.67
CA TYR A 321 8.24 -2.34 -24.48
C TYR A 321 9.07 -2.26 -25.76
N GLN A 322 8.42 -2.31 -26.92
CA GLN A 322 9.16 -2.34 -28.18
C GLN A 322 9.92 -1.02 -28.34
N GLN A 323 9.22 0.09 -28.12
CA GLN A 323 9.83 1.44 -28.14
C GLN A 323 10.93 1.60 -27.09
N PHE A 324 10.66 1.19 -25.86
CA PHE A 324 11.67 1.23 -24.79
C PHE A 324 12.94 0.45 -25.17
N ILE A 325 12.76 -0.81 -25.57
CA ILE A 325 13.91 -1.66 -25.91
C ILE A 325 14.68 -1.08 -27.08
N SER A 326 13.96 -0.63 -28.11
CA SER A 326 14.60 -0.11 -29.30
C SER A 326 15.42 1.14 -28.97
N ILE A 327 14.83 2.06 -28.20
CA ILE A 327 15.47 3.33 -27.83
C ILE A 327 16.71 3.12 -26.96
N LEU A 328 16.58 2.29 -25.94
CA LEU A 328 17.71 1.98 -25.07
C LEU A 328 18.85 1.30 -25.84
N THR A 329 18.50 0.31 -26.67
CA THR A 329 19.47 -0.31 -27.56
C THR A 329 20.24 0.74 -28.38
N GLY A 330 19.51 1.68 -28.99
CA GLY A 330 20.13 2.72 -29.82
C GLY A 330 21.10 3.59 -29.02
N HIS A 331 20.68 4.00 -27.81
CA HIS A 331 21.53 4.82 -26.95
C HIS A 331 22.81 4.10 -26.55
N VAL A 332 22.71 2.79 -26.27
CA VAL A 332 23.90 2.00 -25.98
C VAL A 332 24.77 1.83 -27.23
N ASN A 333 24.14 1.54 -28.36
CA ASN A 333 24.86 1.38 -29.64
C ASN A 333 25.60 2.65 -30.05
N GLY A 334 25.03 3.81 -29.72
CA GLY A 334 25.65 5.09 -30.04
C GLY A 334 26.56 5.66 -28.95
N GLY A 335 26.76 4.89 -27.88
CA GLY A 335 27.67 5.31 -26.80
C GLY A 335 27.15 6.37 -25.84
N VAL A 336 25.86 6.71 -25.95
CA VAL A 336 25.24 7.74 -25.14
C VAL A 336 25.00 7.25 -23.71
N ILE A 337 24.72 5.95 -23.59
CA ILE A 337 24.68 5.25 -22.30
C ILE A 337 25.79 4.18 -22.31
N PRO A 338 26.69 4.21 -21.32
CA PRO A 338 27.82 3.27 -21.38
C PRO A 338 27.41 1.86 -20.91
N MET A 339 28.14 0.86 -21.39
CA MET A 339 27.93 -0.52 -20.98
C MET A 339 28.00 -0.70 -19.49
N SER A 340 28.90 0.04 -18.83
CA SER A 340 29.01 -0.05 -17.38
C SER A 340 27.68 0.23 -16.69
N ARG A 341 26.89 1.14 -17.27
CA ARG A 341 25.59 1.49 -16.69
C ARG A 341 24.60 0.34 -16.87
N ILE A 342 24.52 -0.19 -18.09
CA ILE A 342 23.71 -1.39 -18.37
C ILE A 342 24.08 -2.57 -17.48
N ASP A 343 25.39 -2.81 -17.33
CA ASP A 343 25.92 -3.94 -16.53
C ASP A 343 25.61 -3.80 -15.03
N ASP A 344 25.60 -2.55 -14.54
CA ASP A 344 25.24 -2.29 -13.16
C ASP A 344 23.76 -2.62 -12.91
N ALA A 345 22.89 -2.16 -13.82
CA ALA A 345 21.46 -2.38 -13.71
C ALA A 345 21.15 -3.87 -13.70
N VAL A 346 21.75 -4.60 -14.65
CA VAL A 346 21.57 -6.05 -14.78
C VAL A 346 22.21 -6.79 -13.59
N THR A 347 23.36 -6.33 -13.10
CA THR A 347 23.94 -6.92 -11.88
C THR A 347 22.95 -6.89 -10.70
N ARG A 348 22.29 -5.75 -10.51
CA ARG A 348 21.39 -5.55 -9.37
C ARG A 348 20.11 -6.37 -9.48
N ILE A 349 19.60 -6.48 -10.71
CA ILE A 349 18.39 -7.25 -10.99
C ILE A 349 18.65 -8.75 -10.75
N LEU A 350 19.73 -9.25 -11.32
CA LEU A 350 20.16 -10.62 -11.10
C LEU A 350 20.50 -10.87 -9.62
N ARG A 351 21.21 -9.94 -8.98
CA ARG A 351 21.48 -10.08 -7.54
C ARG A 351 20.20 -10.38 -6.77
N VAL A 352 19.15 -9.59 -7.00
CA VAL A 352 17.88 -9.79 -6.31
C VAL A 352 17.28 -11.16 -6.64
N LYS A 353 17.25 -11.51 -7.93
CA LYS A 353 16.68 -12.80 -8.39
C LYS A 353 17.39 -14.03 -7.83
N PHE A 354 18.72 -14.02 -7.88
CA PHE A 354 19.52 -15.10 -7.31
C PHE A 354 19.35 -15.18 -5.79
N THR A 355 19.35 -14.01 -5.14
CA THR A 355 19.28 -13.94 -3.66
C THR A 355 17.98 -14.56 -3.14
N MET A 356 16.88 -14.28 -3.84
CA MET A 356 15.57 -14.67 -3.35
C MET A 356 15.23 -16.13 -3.65
N GLY A 357 16.11 -16.81 -4.37
CA GLY A 357 15.89 -18.21 -4.73
C GLY A 357 15.15 -18.44 -6.05
N LEU A 358 14.96 -17.39 -6.85
CA LEU A 358 14.12 -17.44 -8.04
C LEU A 358 14.61 -18.45 -9.10
N PHE A 359 15.93 -18.61 -9.23
CA PHE A 359 16.49 -19.59 -10.17
C PHE A 359 16.24 -21.02 -9.71
N GLU A 360 16.11 -21.23 -8.40
CA GLU A 360 15.84 -22.55 -7.82
C GLU A 360 14.37 -22.86 -7.74
N ASN A 361 13.55 -21.83 -7.49
CA ASN A 361 12.11 -22.01 -7.45
C ASN A 361 11.38 -20.97 -8.31
N PRO A 362 11.50 -21.09 -9.66
CA PRO A 362 10.85 -20.16 -10.59
C PRO A 362 9.34 -20.34 -10.74
N TYR A 363 8.84 -21.51 -10.37
CA TYR A 363 7.43 -21.83 -10.52
C TYR A 363 6.65 -21.78 -9.21
N ALA A 364 5.33 -21.64 -9.34
CA ALA A 364 4.44 -21.52 -8.20
C ALA A 364 4.32 -22.84 -7.44
N ASP A 365 4.01 -22.74 -6.15
CA ASP A 365 3.73 -23.92 -5.34
C ASP A 365 2.22 -24.14 -5.15
N PRO A 366 1.66 -25.20 -5.77
CA PRO A 366 0.21 -25.35 -5.65
C PRO A 366 -0.25 -25.59 -4.22
N ALA A 367 0.65 -26.02 -3.34
CA ALA A 367 0.28 -26.24 -1.95
C ALA A 367 0.04 -24.92 -1.20
N MET A 368 0.45 -23.81 -1.81
CA MET A 368 0.31 -22.48 -1.20
C MET A 368 -1.03 -21.86 -1.51
N ALA A 369 -1.74 -22.41 -2.50
CA ALA A 369 -3.00 -21.83 -2.97
C ALA A 369 -4.00 -21.54 -1.84
N GLU A 370 -4.05 -22.45 -0.86
CA GLU A 370 -4.97 -22.33 0.28
C GLU A 370 -4.58 -21.28 1.34
N GLN A 371 -3.42 -20.64 1.17
CA GLN A 371 -3.04 -19.52 2.04
C GLN A 371 -3.91 -18.30 1.81
N LEU A 372 -4.50 -18.20 0.61
CA LEU A 372 -5.36 -17.07 0.27
C LEU A 372 -6.62 -16.99 1.12
N GLY A 373 -6.82 -15.83 1.75
CA GLY A 373 -7.99 -15.60 2.61
C GLY A 373 -8.04 -16.51 3.81
N LYS A 374 -6.89 -17.02 4.24
CA LYS A 374 -6.83 -18.01 5.33
C LYS A 374 -7.40 -17.36 6.58
N GLN A 375 -8.25 -18.07 7.33
CA GLN A 375 -8.91 -17.53 8.53
C GLN A 375 -7.96 -16.92 9.58
N GLU A 376 -6.81 -17.54 9.80
CA GLU A 376 -5.77 -16.97 10.68
C GLU A 376 -5.37 -15.55 10.22
N HIS A 377 -5.23 -15.35 8.91
CA HIS A 377 -4.89 -14.03 8.37
C HIS A 377 -6.02 -13.04 8.55
N ARG A 378 -7.25 -13.53 8.42
CA ARG A 378 -8.43 -12.72 8.67
C ARG A 378 -8.53 -12.33 10.15
N ASP A 379 -8.25 -13.28 11.04
CA ASP A 379 -8.15 -12.96 12.48
C ASP A 379 -7.15 -11.83 12.75
N LEU A 380 -6.01 -11.87 12.06
CA LEU A 380 -4.98 -10.85 12.15
C LEU A 380 -5.48 -9.50 11.64
N ALA A 381 -6.10 -9.50 10.46
CA ALA A 381 -6.67 -8.27 9.89
C ALA A 381 -7.73 -7.70 10.84
N ARG A 382 -8.52 -8.59 11.44
CA ARG A 382 -9.51 -8.18 12.43
C ARG A 382 -8.87 -7.53 13.66
N GLU A 383 -7.81 -8.15 14.19
CA GLU A 383 -7.00 -7.54 15.24
C GLU A 383 -6.45 -6.14 14.85
N ALA A 384 -5.86 -6.04 13.65
CA ALA A 384 -5.31 -4.79 13.13
C ALA A 384 -6.37 -3.68 13.00
N ALA A 385 -7.54 -4.06 12.47
CA ALA A 385 -8.66 -3.12 12.27
C ALA A 385 -9.09 -2.53 13.61
N ARG A 386 -9.29 -3.41 14.60
CA ARG A 386 -9.66 -2.98 15.95
C ARG A 386 -8.60 -2.05 16.55
N LYS A 387 -7.34 -2.43 16.39
CA LYS A 387 -6.22 -1.67 16.98
C LYS A 387 -6.03 -0.30 16.32
N SER A 388 -6.51 -0.19 15.09
CA SER A 388 -6.37 1.02 14.30
C SER A 388 -7.41 2.08 14.65
N LEU A 389 -8.53 1.69 15.27
CA LEU A 389 -9.64 2.62 15.52
C LEU A 389 -9.23 3.71 16.50
N VAL A 390 -9.53 4.96 16.17
CA VAL A 390 -9.29 6.05 17.12
C VAL A 390 -10.62 6.63 17.60
N LEU A 391 -10.84 6.51 18.91
CA LEU A 391 -12.06 7.04 19.52
C LEU A 391 -11.82 8.54 19.77
N LEU A 392 -12.62 9.36 19.09
CA LEU A 392 -12.46 10.81 19.15
C LEU A 392 -13.39 11.47 20.17
N LYS A 393 -14.50 10.81 20.47
CA LYS A 393 -15.54 11.33 21.38
C LYS A 393 -16.26 10.12 21.93
N ASN A 394 -16.58 10.15 23.22
CA ASN A 394 -17.40 9.11 23.83
C ASN A 394 -18.31 9.70 24.91
N GLY A 395 -19.26 10.54 24.50
CA GLY A 395 -20.12 11.28 25.41
C GLY A 395 -20.16 12.76 25.05
N LYS A 396 -21.36 13.32 24.97
CA LYS A 396 -21.52 14.73 24.61
C LYS A 396 -21.03 15.74 25.65
N THR A 397 -21.15 15.40 26.93
CA THR A 397 -20.69 16.28 28.02
C THR A 397 -19.83 15.47 28.98
N SER A 398 -19.08 16.15 29.85
CA SER A 398 -18.23 15.47 30.82
C SER A 398 -19.03 14.61 31.80
N THR A 399 -20.33 14.91 31.94
CA THR A 399 -21.16 14.24 32.90
C THR A 399 -22.06 13.14 32.30
N ASP A 400 -22.05 13.00 30.98
CA ASP A 400 -22.78 11.93 30.32
C ASP A 400 -22.19 10.56 30.64
N ALA A 401 -23.04 9.54 30.73
CA ALA A 401 -22.61 8.14 30.67
C ALA A 401 -21.91 7.93 29.32
N PRO A 402 -20.73 7.27 29.34
CA PRO A 402 -20.02 6.96 28.10
C PRO A 402 -20.89 6.04 27.24
N LEU A 403 -21.10 6.37 25.98
CA LEU A 403 -21.88 5.50 25.09
C LEU A 403 -21.19 4.14 24.84
N LEU A 404 -19.88 4.17 24.57
CA LEU A 404 -19.12 2.96 24.27
C LEU A 404 -18.39 2.51 25.53
N PRO A 405 -18.35 1.18 25.77
CA PRO A 405 -18.90 0.14 24.88
C PRO A 405 -20.43 -0.03 25.00
N LEU A 406 -21.02 -0.41 23.87
CA LEU A 406 -22.45 -0.63 23.76
C LEU A 406 -22.78 -2.03 24.28
N PRO A 407 -23.99 -2.21 24.84
CA PRO A 407 -24.42 -3.55 25.25
C PRO A 407 -24.79 -4.42 24.03
N LYS A 408 -24.37 -5.69 24.05
CA LYS A 408 -24.77 -6.65 23.01
C LYS A 408 -26.25 -7.06 23.10
N LYS A 409 -26.85 -6.87 24.27
CA LYS A 409 -28.26 -7.19 24.48
C LYS A 409 -29.08 -5.91 24.69
N ALA A 410 -29.99 -5.67 23.74
CA ALA A 410 -30.92 -4.54 23.76
C ALA A 410 -32.13 -4.96 22.93
N PRO A 411 -33.33 -4.46 23.27
CA PRO A 411 -34.50 -4.91 22.51
C PRO A 411 -34.39 -4.70 21.00
N LYS A 412 -33.93 -3.52 20.58
CA LYS A 412 -33.93 -3.18 19.17
C LYS A 412 -32.86 -2.14 18.95
N ILE A 413 -32.04 -2.32 17.92
CA ILE A 413 -30.99 -1.37 17.62
C ILE A 413 -31.01 -1.01 16.13
N LEU A 414 -30.42 0.13 15.79
CA LEU A 414 -30.37 0.61 14.41
C LEU A 414 -28.94 0.68 13.86
N VAL A 415 -28.74 0.10 12.67
CA VAL A 415 -27.48 0.25 11.92
C VAL A 415 -27.85 1.07 10.69
N ALA A 416 -27.08 2.13 10.42
CA ALA A 416 -27.43 3.09 9.37
C ALA A 416 -26.21 3.69 8.70
N GLY A 417 -26.43 4.32 7.55
CA GLY A 417 -25.37 5.02 6.85
C GLY A 417 -24.94 4.28 5.59
N SER A 418 -24.39 5.06 4.66
CA SER A 418 -23.90 4.58 3.39
C SER A 418 -22.72 3.61 3.54
N HIS A 419 -22.05 3.65 4.70
CA HIS A 419 -20.85 2.83 4.90
C HIS A 419 -21.06 1.68 5.86
N ALA A 420 -22.31 1.49 6.32
CA ALA A 420 -22.63 0.44 7.29
C ALA A 420 -22.65 -0.96 6.68
N ASP A 421 -23.06 -1.03 5.40
CA ASP A 421 -23.16 -2.31 4.72
C ASP A 421 -22.54 -2.19 3.32
N ASN A 422 -21.27 -1.81 3.27
CA ASN A 422 -20.59 -1.61 2.00
C ASN A 422 -19.12 -1.98 2.13
N LEU A 423 -18.82 -3.21 1.70
CA LEU A 423 -17.50 -3.80 1.86
C LEU A 423 -16.45 -3.04 1.09
N GLY A 424 -16.76 -2.70 -0.16
CA GLY A 424 -15.86 -1.91 -1.00
C GLY A 424 -15.48 -0.59 -0.36
N TYR A 425 -16.48 0.13 0.17
CA TYR A 425 -16.22 1.39 0.86
C TYR A 425 -15.29 1.24 2.07
N GLN A 426 -15.47 0.15 2.85
CA GLN A 426 -14.64 -0.03 4.04
C GLN A 426 -13.20 -0.47 3.73
N CYS A 427 -12.97 -0.95 2.51
CA CYS A 427 -11.63 -1.33 2.04
C CYS A 427 -10.89 -0.16 1.39
N GLY A 428 -11.63 0.73 0.76
CA GLY A 428 -11.05 1.88 0.08
C GLY A 428 -10.32 1.47 -1.19
N GLY A 429 -9.42 2.35 -1.64
CA GLY A 429 -8.69 2.14 -2.88
C GLY A 429 -7.75 0.95 -2.84
N TRP A 430 -7.23 0.56 -4.01
CA TRP A 430 -6.39 -0.64 -4.16
C TRP A 430 -7.08 -1.86 -3.56
N THR A 431 -8.33 -2.08 -3.93
CA THR A 431 -9.04 -3.29 -3.53
C THR A 431 -9.85 -3.79 -4.71
N ILE A 432 -9.40 -4.91 -5.27
CA ILE A 432 -10.01 -5.53 -6.44
C ILE A 432 -9.78 -4.69 -7.70
N GLU A 433 -10.29 -3.46 -7.69
CA GLU A 433 -9.97 -2.49 -8.75
C GLU A 433 -8.85 -1.57 -8.25
N TRP A 434 -8.18 -0.92 -9.19
CA TRP A 434 -7.21 0.12 -8.85
C TRP A 434 -7.80 1.18 -7.90
N GLN A 435 -8.97 1.71 -8.27
CA GLN A 435 -9.60 2.79 -7.54
C GLN A 435 -10.42 2.31 -6.34
N GLY A 436 -10.44 1.00 -6.09
CA GLY A 436 -11.42 0.38 -5.21
C GLY A 436 -12.77 0.40 -5.91
N ASP A 437 -13.82 0.11 -5.16
CA ASP A 437 -15.13 -0.05 -5.78
C ASP A 437 -16.18 -0.08 -4.68
N THR A 438 -17.44 -0.17 -5.10
CA THR A 438 -18.55 -0.13 -4.18
C THR A 438 -19.17 -1.54 -4.02
N GLY A 439 -19.66 -1.84 -2.82
CA GLY A 439 -20.49 -3.03 -2.62
C GLY A 439 -19.66 -4.26 -2.32
N ARG A 440 -20.22 -5.42 -2.64
CA ARG A 440 -19.65 -6.70 -2.23
C ARG A 440 -18.67 -7.22 -3.30
N THR A 441 -17.47 -6.67 -3.27
CA THR A 441 -16.47 -6.91 -4.32
C THR A 441 -15.56 -8.09 -3.99
N THR A 442 -15.63 -8.59 -2.75
CA THR A 442 -14.74 -9.64 -2.31
C THR A 442 -15.34 -10.37 -1.10
N VAL A 443 -14.56 -11.29 -0.50
CA VAL A 443 -15.00 -12.00 0.70
C VAL A 443 -14.64 -11.13 1.92
N GLY A 444 -15.62 -10.90 2.78
CA GLY A 444 -15.49 -10.01 3.90
C GLY A 444 -16.74 -9.91 4.76
N THR A 445 -16.66 -9.06 5.78
CA THR A 445 -17.72 -8.83 6.75
C THR A 445 -17.94 -7.33 6.89
N THR A 446 -19.12 -6.84 6.50
CA THR A 446 -19.41 -5.42 6.64
C THR A 446 -19.68 -5.08 8.11
N ILE A 447 -19.78 -3.79 8.42
CA ILE A 447 -20.13 -3.37 9.77
C ILE A 447 -21.51 -3.93 10.19
N LEU A 448 -22.50 -3.87 9.30
CA LEU A 448 -23.82 -4.45 9.56
C LEU A 448 -23.73 -5.95 9.90
N GLU A 449 -23.00 -6.69 9.07
CA GLU A 449 -22.82 -8.12 9.27
C GLU A 449 -22.09 -8.41 10.58
N ALA A 450 -21.09 -7.57 10.88
CA ALA A 450 -20.35 -7.68 12.13
C ALA A 450 -21.26 -7.44 13.33
N VAL A 451 -22.17 -6.47 13.21
CA VAL A 451 -23.13 -6.17 14.26
C VAL A 451 -24.06 -7.37 14.51
N LYS A 452 -24.61 -7.92 13.42
CA LYS A 452 -25.47 -9.12 13.47
C LYS A 452 -24.78 -10.34 14.06
N ALA A 453 -23.49 -10.49 13.76
CA ALA A 453 -22.66 -11.56 14.30
C ALA A 453 -22.25 -11.38 15.77
N ALA A 454 -22.42 -10.16 16.31
CA ALA A 454 -21.94 -9.81 17.64
C ALA A 454 -23.03 -9.81 18.71
N VAL A 455 -24.22 -9.36 18.34
CA VAL A 455 -25.25 -9.10 19.33
C VAL A 455 -25.94 -10.38 19.83
N ASP A 456 -26.51 -10.28 21.03
CA ASP A 456 -27.37 -11.28 21.61
C ASP A 456 -28.48 -11.68 20.62
N PRO A 457 -28.86 -12.98 20.59
CA PRO A 457 -29.95 -13.45 19.73
C PRO A 457 -31.27 -12.70 19.91
N SER A 458 -31.51 -12.18 21.11
CA SER A 458 -32.75 -11.44 21.38
C SER A 458 -32.71 -9.98 20.89
N THR A 459 -31.53 -9.50 20.49
CA THR A 459 -31.38 -8.13 19.98
C THR A 459 -31.88 -8.04 18.54
N VAL A 460 -32.92 -7.25 18.33
CA VAL A 460 -33.41 -7.01 16.96
C VAL A 460 -32.52 -5.96 16.32
N VAL A 461 -31.95 -6.31 15.17
CA VAL A 461 -31.13 -5.38 14.41
C VAL A 461 -31.88 -4.87 13.18
N VAL A 462 -32.03 -3.56 13.06
CA VAL A 462 -32.67 -2.94 11.90
C VAL A 462 -31.63 -2.23 11.05
N PHE A 463 -31.64 -2.47 9.75
CA PHE A 463 -30.78 -1.71 8.85
C PHE A 463 -31.59 -0.71 8.06
N ALA A 464 -31.14 0.54 8.03
CA ALA A 464 -31.69 1.55 7.14
C ALA A 464 -30.53 2.41 6.68
N GLU A 465 -30.31 2.50 5.36
CA GLU A 465 -29.15 3.21 4.84
C GLU A 465 -29.21 4.72 5.11
N ASN A 466 -30.35 5.34 4.82
CA ASN A 466 -30.52 6.77 5.01
C ASN A 466 -31.90 7.08 5.62
N PRO A 467 -32.10 6.69 6.90
CA PRO A 467 -33.44 6.89 7.47
C PRO A 467 -33.70 8.36 7.82
N ASP A 468 -34.95 8.81 7.72
CA ASP A 468 -35.27 10.14 8.17
C ASP A 468 -35.43 10.20 9.68
N ALA A 469 -35.51 11.42 10.21
CA ALA A 469 -35.58 11.67 11.62
C ALA A 469 -36.78 10.97 12.26
N GLU A 470 -37.91 10.99 11.58
CA GLU A 470 -39.15 10.40 12.10
C GLU A 470 -39.04 8.89 12.27
N PHE A 471 -38.44 8.23 11.28
CA PHE A 471 -38.20 6.79 11.29
C PHE A 471 -37.43 6.38 12.55
N VAL A 472 -36.36 7.13 12.83
CA VAL A 472 -35.53 6.91 14.01
C VAL A 472 -36.31 7.19 15.32
N LYS A 473 -36.96 8.35 15.41
CA LYS A 473 -37.71 8.72 16.64
C LYS A 473 -38.81 7.72 16.95
N SER A 474 -39.46 7.21 15.90
CA SER A 474 -40.58 6.27 16.01
C SER A 474 -40.17 4.80 16.15
N GLY A 475 -38.88 4.52 16.01
CA GLY A 475 -38.37 3.15 15.89
C GLY A 475 -38.22 2.28 17.13
N GLY A 476 -38.24 2.86 18.32
CA GLY A 476 -38.06 2.09 19.56
C GLY A 476 -36.66 1.53 19.71
N PHE A 477 -35.67 2.30 19.23
CA PHE A 477 -34.27 1.89 19.26
C PHE A 477 -33.59 2.25 20.57
N SER A 478 -32.70 1.36 21.01
CA SER A 478 -31.90 1.60 22.21
C SER A 478 -30.72 2.51 21.90
N TYR A 479 -30.16 2.32 20.70
CA TYR A 479 -29.05 3.12 20.20
C TYR A 479 -28.91 2.86 18.72
N ALA A 480 -28.06 3.63 18.05
CA ALA A 480 -27.75 3.44 16.65
C ALA A 480 -26.23 3.44 16.42
N ILE A 481 -25.80 2.63 15.46
CA ILE A 481 -24.47 2.72 14.89
C ILE A 481 -24.64 3.25 13.47
N VAL A 482 -23.99 4.38 13.18
CA VAL A 482 -24.12 4.99 11.88
C VAL A 482 -22.73 5.18 11.27
N ALA A 483 -22.56 4.61 10.08
CA ALA A 483 -21.27 4.60 9.42
C ALA A 483 -21.32 5.38 8.12
N VAL A 484 -20.42 6.36 8.00
CA VAL A 484 -20.35 7.26 6.84
C VAL A 484 -18.90 7.57 6.51
N GLY A 485 -18.65 8.24 5.39
CA GLY A 485 -17.30 8.66 5.08
C GLY A 485 -16.98 8.83 3.62
N GLU A 486 -15.70 8.68 3.30
CA GLU A 486 -15.16 8.88 1.97
C GLU A 486 -15.45 7.68 1.09
N HIS A 487 -15.54 7.95 -0.21
CA HIS A 487 -15.63 6.89 -1.19
C HIS A 487 -14.21 6.40 -1.55
N PRO A 488 -14.10 5.18 -2.10
CA PRO A 488 -12.76 4.70 -2.47
C PRO A 488 -12.07 5.56 -3.53
N TYR A 489 -10.77 5.76 -3.36
CA TYR A 489 -9.98 6.50 -4.33
C TYR A 489 -8.52 6.07 -4.25
N THR A 490 -7.79 6.33 -5.33
CA THR A 490 -6.39 6.02 -5.43
C THR A 490 -5.67 7.12 -6.21
N GLU A 491 -4.47 7.49 -5.74
CA GLU A 491 -3.59 8.41 -6.47
C GLU A 491 -4.31 9.75 -6.72
N THR A 492 -4.22 10.29 -7.94
CA THR A 492 -4.72 11.66 -8.20
C THR A 492 -6.23 11.79 -8.02
N LYS A 493 -6.96 10.69 -8.22
CA LYS A 493 -8.42 10.69 -7.99
C LYS A 493 -8.80 11.03 -6.56
N GLY A 494 -7.87 10.80 -5.64
CA GLY A 494 -8.09 11.12 -4.23
C GLY A 494 -7.65 12.49 -3.75
N ASP A 495 -6.95 13.24 -4.62
CA ASP A 495 -6.54 14.60 -4.32
C ASP A 495 -7.81 15.40 -4.11
N ASN A 496 -7.85 16.16 -3.02
CA ASN A 496 -9.10 16.76 -2.54
C ASN A 496 -8.78 17.98 -1.69
N LEU A 497 -9.23 19.15 -2.15
CA LEU A 497 -8.94 20.43 -1.49
C LEU A 497 -9.91 20.82 -0.37
N ASN A 498 -11.11 20.25 -0.37
N ASN A 498 -11.09 20.20 -0.38
CA ASN A 498 -12.09 20.58 0.64
CA ASN A 498 -12.22 20.49 0.52
C ASN A 498 -12.21 19.57 1.77
N LEU A 499 -11.82 18.32 1.55
CA LEU A 499 -11.86 17.26 2.58
C LEU A 499 -13.16 17.19 3.38
N THR A 500 -14.29 17.31 2.70
CA THR A 500 -15.58 17.10 3.35
C THR A 500 -16.18 15.81 2.81
N ILE A 501 -16.79 15.02 3.68
CA ILE A 501 -17.34 13.74 3.21
C ILE A 501 -18.52 13.96 2.26
N PRO A 502 -18.70 13.04 1.28
CA PRO A 502 -19.86 13.13 0.38
C PRO A 502 -21.18 13.00 1.14
N GLU A 503 -22.22 13.61 0.58
CA GLU A 503 -23.56 13.47 1.10
C GLU A 503 -24.31 12.36 0.35
N PRO A 504 -25.30 11.73 1.00
CA PRO A 504 -25.64 11.94 2.41
C PRO A 504 -24.66 11.22 3.34
N GLY A 505 -24.30 11.92 4.41
CA GLY A 505 -23.36 11.38 5.38
C GLY A 505 -23.65 12.10 6.67
N LEU A 506 -23.33 13.39 6.67
CA LEU A 506 -23.64 14.28 7.77
C LEU A 506 -25.15 14.31 8.04
N SER A 507 -25.97 14.47 6.99
CA SER A 507 -27.42 14.51 7.15
C SER A 507 -27.96 13.22 7.80
N THR A 508 -27.40 12.07 7.43
CA THR A 508 -27.82 10.80 8.04
C THR A 508 -27.42 10.74 9.54
N VAL A 509 -26.18 11.12 9.85
CA VAL A 509 -25.72 11.22 11.24
C VAL A 509 -26.63 12.15 12.04
N GLN A 510 -26.93 13.33 11.49
CA GLN A 510 -27.84 14.26 12.14
C GLN A 510 -29.25 13.71 12.33
N ALA A 511 -29.81 13.06 11.30
CA ALA A 511 -31.16 12.49 11.40
C ALA A 511 -31.21 11.38 12.43
N VAL A 512 -30.20 10.51 12.42
CA VAL A 512 -30.10 9.40 13.36
C VAL A 512 -29.86 9.85 14.82
N CYS A 513 -28.79 10.63 15.02
CA CYS A 513 -28.38 11.05 16.34
C CYS A 513 -29.39 11.99 17.00
N GLY A 514 -30.15 12.70 16.17
CA GLY A 514 -31.23 13.54 16.67
C GLY A 514 -32.36 12.76 17.30
N GLY A 515 -32.47 11.46 16.97
CA GLY A 515 -33.59 10.65 17.46
C GLY A 515 -33.24 9.59 18.48
N VAL A 516 -31.97 9.22 18.55
CA VAL A 516 -31.53 8.16 19.46
C VAL A 516 -30.03 8.37 19.66
N ARG A 517 -29.47 7.89 20.77
CA ARG A 517 -28.05 8.10 20.96
C ARG A 517 -27.28 7.20 20.00
N CYS A 518 -26.14 7.73 19.54
CA CYS A 518 -25.50 7.17 18.36
C CYS A 518 -24.00 7.09 18.50
N ALA A 519 -23.45 5.99 17.97
CA ALA A 519 -22.02 5.86 17.73
C ALA A 519 -21.78 6.04 16.24
N THR A 520 -21.07 7.12 15.88
CA THR A 520 -20.72 7.35 14.49
C THR A 520 -19.38 6.71 14.16
N VAL A 521 -19.37 5.90 13.10
CA VAL A 521 -18.14 5.31 12.64
C VAL A 521 -17.77 6.01 11.33
N LEU A 522 -16.66 6.75 11.38
CA LEU A 522 -16.17 7.47 10.21
C LEU A 522 -15.14 6.67 9.41
N ILE A 523 -15.44 6.42 8.14
CA ILE A 523 -14.58 5.66 7.26
C ILE A 523 -13.90 6.69 6.36
N SER A 524 -12.57 6.78 6.45
CA SER A 524 -11.84 7.77 5.67
C SER A 524 -10.39 7.34 5.49
N GLY A 525 -9.73 7.89 4.49
CA GLY A 525 -8.31 7.62 4.29
C GLY A 525 -7.44 8.64 5.02
N ARG A 526 -8.06 9.54 5.78
CA ARG A 526 -7.38 10.74 6.27
C ARG A 526 -8.35 11.52 7.15
N PRO A 527 -7.82 12.47 7.94
CA PRO A 527 -8.69 13.47 8.57
C PRO A 527 -9.51 14.22 7.52
N VAL A 528 -10.78 14.43 7.84
CA VAL A 528 -11.70 15.18 7.01
C VAL A 528 -12.42 16.14 7.96
N VAL A 529 -13.13 17.13 7.42
CA VAL A 529 -13.87 18.08 8.23
C VAL A 529 -14.83 17.26 9.09
N VAL A 530 -14.70 17.43 10.42
CA VAL A 530 -15.37 16.54 11.37
C VAL A 530 -16.18 17.25 12.46
N GLN A 531 -16.04 18.58 12.61
CA GLN A 531 -16.80 19.29 13.66
C GLN A 531 -18.31 19.01 13.62
N PRO A 532 -18.95 19.16 12.44
CA PRO A 532 -20.39 18.87 12.36
C PRO A 532 -20.78 17.44 12.73
N LEU A 533 -19.98 16.45 12.33
CA LEU A 533 -20.21 15.06 12.70
C LEU A 533 -20.08 14.88 14.21
N LEU A 534 -19.03 15.47 14.78
CA LEU A 534 -18.81 15.50 16.22
C LEU A 534 -19.99 16.12 17.01
N ALA A 535 -20.46 17.29 16.57
CA ALA A 535 -21.54 17.99 17.26
C ALA A 535 -22.81 17.13 17.37
N ALA A 536 -23.12 16.37 16.32
CA ALA A 536 -24.32 15.54 16.30
C ALA A 536 -24.19 14.23 17.11
N SER A 537 -22.97 13.73 17.26
CA SER A 537 -22.75 12.36 17.75
C SER A 537 -22.48 12.26 19.25
N ASP A 538 -22.99 11.19 19.88
CA ASP A 538 -22.63 10.87 21.26
C ASP A 538 -21.21 10.31 21.33
N ALA A 539 -20.91 9.37 20.44
CA ALA A 539 -19.55 8.87 20.29
C ALA A 539 -19.18 8.93 18.83
N LEU A 540 -17.89 9.07 18.57
CA LEU A 540 -17.41 9.07 17.20
C LEU A 540 -16.06 8.40 17.13
N VAL A 541 -15.96 7.46 16.18
CA VAL A 541 -14.75 6.67 15.93
C VAL A 541 -14.17 6.96 14.55
N ALA A 542 -12.87 7.28 14.50
CA ALA A 542 -12.13 7.33 13.23
C ALA A 542 -11.64 5.92 12.95
N ALA A 543 -12.33 5.24 12.03
CA ALA A 543 -12.04 3.84 11.66
C ALA A 543 -11.11 3.68 10.45
N TRP A 544 -10.73 4.80 9.81
CA TRP A 544 -9.85 4.82 8.64
C TRP A 544 -10.42 3.92 7.54
N LEU A 545 -9.57 3.08 6.92
CA LEU A 545 -10.02 2.11 5.90
C LEU A 545 -9.71 0.70 6.38
N PRO A 546 -10.57 0.16 7.27
CA PRO A 546 -10.21 -1.03 8.08
C PRO A 546 -10.08 -2.36 7.30
N GLY A 547 -10.56 -2.41 6.06
CA GLY A 547 -10.39 -3.60 5.23
C GLY A 547 -11.55 -4.58 5.25
N SER A 548 -11.27 -5.83 4.94
CA SER A 548 -12.35 -6.83 4.78
C SER A 548 -13.00 -7.26 6.10
N GLU A 549 -12.30 -7.07 7.21
CA GLU A 549 -12.71 -7.68 8.48
C GLU A 549 -13.42 -6.71 9.43
N GLY A 550 -14.68 -6.43 9.12
CA GLY A 550 -15.47 -5.40 9.81
C GLY A 550 -15.78 -5.70 11.26
N GLN A 551 -15.58 -6.96 11.65
CA GLN A 551 -15.74 -7.34 13.05
C GLN A 551 -14.69 -6.71 13.97
N GLY A 552 -13.58 -6.25 13.40
CA GLY A 552 -12.61 -5.44 14.15
C GLY A 552 -13.25 -4.17 14.72
N VAL A 553 -14.15 -3.55 13.95
CA VAL A 553 -14.94 -2.40 14.39
C VAL A 553 -15.87 -2.74 15.58
N THR A 554 -16.67 -3.78 15.44
CA THR A 554 -17.61 -4.16 16.50
C THR A 554 -16.92 -4.76 17.74
N ASP A 555 -15.71 -5.29 17.56
CA ASP A 555 -14.88 -5.79 18.67
C ASP A 555 -14.63 -4.69 19.69
N ALA A 556 -14.45 -3.46 19.19
CA ALA A 556 -14.28 -2.30 20.06
C ALA A 556 -15.62 -1.66 20.47
N LEU A 557 -16.55 -1.51 19.52
CA LEU A 557 -17.86 -0.93 19.83
C LEU A 557 -18.60 -1.63 20.96
N PHE A 558 -18.50 -2.97 21.01
CA PHE A 558 -19.25 -3.76 21.99
C PHE A 558 -18.39 -4.16 23.21
N GLY A 559 -17.17 -3.65 23.26
CA GLY A 559 -16.32 -3.83 24.42
C GLY A 559 -15.62 -5.17 24.59
N ASP A 560 -15.57 -5.99 23.55
CA ASP A 560 -14.72 -7.21 23.59
C ASP A 560 -13.25 -6.82 23.82
N PHE A 561 -12.87 -5.65 23.31
CA PHE A 561 -11.56 -5.08 23.55
C PHE A 561 -11.75 -3.61 23.83
N GLY A 562 -10.84 -3.02 24.60
CA GLY A 562 -10.82 -1.57 24.77
C GLY A 562 -10.26 -0.85 23.55
N PHE A 563 -10.67 0.41 23.35
CA PHE A 563 -10.11 1.28 22.29
C PHE A 563 -8.70 1.68 22.63
N THR A 564 -7.75 1.55 21.70
CA THR A 564 -6.34 1.89 21.98
C THR A 564 -5.66 2.76 20.92
N GLY A 565 -6.27 2.86 19.74
CA GLY A 565 -5.68 3.62 18.64
C GLY A 565 -5.46 5.09 19.01
N ARG A 566 -4.38 5.66 18.50
CA ARG A 566 -4.05 7.08 18.66
C ARG A 566 -3.75 7.70 17.29
N LEU A 567 -4.15 8.94 17.08
CA LEU A 567 -3.96 9.60 15.78
C LEU A 567 -2.50 9.54 15.32
N PRO A 568 -2.26 9.00 14.10
CA PRO A 568 -0.92 9.03 13.51
C PRO A 568 -0.68 10.30 12.68
N ARG A 569 -1.71 11.16 12.66
CA ARG A 569 -1.76 12.39 11.85
C ARG A 569 -2.41 13.45 12.72
N THR A 570 -2.12 14.71 12.41
CA THR A 570 -2.82 15.86 12.98
C THR A 570 -4.23 15.93 12.40
N TRP A 571 -5.23 16.17 13.26
CA TRP A 571 -6.58 16.49 12.76
C TRP A 571 -6.77 17.99 12.76
N PHE A 572 -6.98 18.54 11.57
CA PHE A 572 -7.10 19.99 11.37
C PHE A 572 -8.50 20.53 11.74
N LYS A 573 -8.55 21.81 12.13
CA LYS A 573 -9.83 22.52 12.30
C LYS A 573 -10.46 22.88 10.94
N SER A 574 -9.63 23.34 10.00
CA SER A 574 -10.12 23.62 8.65
C SER A 574 -9.02 23.44 7.61
N VAL A 575 -9.43 23.22 6.36
CA VAL A 575 -8.45 23.00 5.29
C VAL A 575 -7.56 24.22 5.00
N ASP A 576 -8.04 25.42 5.29
CA ASP A 576 -7.20 26.59 5.04
C ASP A 576 -6.03 26.73 6.03
N GLN A 577 -6.00 25.89 7.06
CA GLN A 577 -4.80 25.75 7.90
C GLN A 577 -3.66 24.98 7.21
N LEU A 578 -3.97 24.20 6.18
CA LEU A 578 -3.01 23.23 5.63
C LEU A 578 -1.98 23.86 4.69
N PRO A 579 -0.73 23.35 4.70
CA PRO A 579 -0.23 22.22 5.51
C PRO A 579 0.02 22.63 6.96
N MET A 580 -0.20 21.70 7.90
CA MET A 580 -0.02 21.97 9.32
C MET A 580 0.36 20.68 10.05
N ASN A 581 1.59 20.60 10.56
CA ASN A 581 2.09 19.36 11.21
C ASN A 581 2.65 19.59 12.62
N VAL A 582 2.61 18.54 13.46
CA VAL A 582 3.18 18.60 14.82
C VAL A 582 4.59 19.16 14.77
N GLY A 583 4.83 20.25 15.48
CA GLY A 583 6.13 20.89 15.46
C GLY A 583 6.13 22.22 14.73
N ASP A 584 5.07 22.48 13.94
CA ASP A 584 4.96 23.72 13.16
C ASP A 584 4.86 24.95 14.04
N ALA A 585 5.17 26.10 13.48
CA ALA A 585 5.05 27.37 14.20
C ALA A 585 3.60 27.72 14.57
N HIS A 586 2.66 27.41 13.67
CA HIS A 586 1.26 27.83 13.91
C HIS A 586 0.27 26.67 14.02
N TYR A 587 0.79 25.59 14.61
CA TYR A 587 0.04 24.41 15.03
C TYR A 587 -1.20 24.74 15.88
N ASP A 588 -2.37 24.51 15.32
CA ASP A 588 -3.63 24.71 16.02
C ASP A 588 -4.62 23.63 15.60
N PRO A 589 -4.41 22.39 16.11
CA PRO A 589 -5.19 21.24 15.67
C PRO A 589 -6.54 21.14 16.37
N LEU A 590 -7.50 20.49 15.71
CA LEU A 590 -8.71 20.04 16.40
C LEU A 590 -8.31 18.91 17.37
N PHE A 591 -7.53 17.95 16.87
CA PHE A 591 -6.93 16.89 17.69
C PHE A 591 -5.45 16.76 17.30
N ARG A 592 -4.57 16.82 18.30
CA ARG A 592 -3.12 16.69 18.05
C ARG A 592 -2.75 15.25 17.66
N LEU A 593 -1.62 15.10 16.97
CA LEU A 593 -1.05 13.78 16.73
C LEU A 593 -0.90 13.08 18.09
N GLY A 594 -1.32 11.81 18.16
CA GLY A 594 -1.22 11.04 19.39
C GLY A 594 -2.48 11.03 20.23
N TYR A 595 -3.46 11.85 19.87
CA TYR A 595 -4.75 11.89 20.58
C TYR A 595 -5.54 10.60 20.37
N GLY A 596 -6.16 10.11 21.43
CA GLY A 596 -7.08 8.96 21.29
C GLY A 596 -7.72 8.71 22.63
N LEU A 597 -9.04 8.66 22.67
CA LEU A 597 -9.75 8.27 23.90
C LEU A 597 -9.65 6.75 24.07
N THR A 598 -9.74 6.29 25.31
CA THR A 598 -9.65 4.84 25.56
C THR A 598 -10.95 4.31 26.18
N THR A 599 -11.20 3.02 25.97
CA THR A 599 -12.20 2.32 26.78
C THR A 599 -11.54 1.09 27.36
N ASN A 600 -12.24 0.42 28.29
CA ASN A 600 -11.81 -0.88 28.78
C ASN A 600 -12.80 -1.98 28.35
N ALA A 601 -12.27 -3.19 28.16
CA ALA A 601 -13.07 -4.36 27.80
C ALA A 601 -14.16 -4.66 28.85
N THR A 602 -15.40 -4.91 28.38
CA THR A 602 -16.50 -5.34 29.25
C THR A 602 -16.70 -6.84 29.21
C1 NAG B . 2.20 20.62 -10.21
C2 NAG B . 3.02 20.47 -11.50
C3 NAG B . 2.73 21.58 -12.50
C4 NAG B . 1.23 21.74 -12.73
C5 NAG B . 0.56 21.96 -11.37
C6 NAG B . -0.97 22.11 -11.44
C7 NAG B . 5.16 19.31 -11.15
C8 NAG B . 6.60 19.43 -10.76
N2 NAG B . 4.44 20.44 -11.20
O3 NAG B . 3.40 21.38 -13.73
O4 NAG B . 1.00 22.83 -13.60
O5 NAG B . 0.84 20.87 -10.51
O6 NAG B . -1.53 20.98 -12.08
O7 NAG B . 4.70 18.20 -11.42
C1 NAG B . 0.17 22.47 -14.72
C2 NAG B . -0.52 23.74 -15.21
C3 NAG B . -1.34 23.52 -16.48
C4 NAG B . -0.58 22.69 -17.53
C5 NAG B . 0.16 21.48 -16.92
C6 NAG B . 1.13 20.87 -17.93
C7 NAG B . -1.21 25.54 -13.70
C8 NAG B . -2.34 26.49 -14.00
N2 NAG B . -1.37 24.30 -14.17
O3 NAG B . -1.69 24.76 -17.05
O4 NAG B . -1.52 22.26 -18.51
O5 NAG B . 0.90 21.85 -15.77
O6 NAG B . 1.46 19.55 -17.57
O7 NAG B . -0.22 25.90 -13.08
C1 BMA B . -1.15 22.76 -19.82
C2 BMA B . -1.86 21.94 -20.91
C3 BMA B . -1.52 22.45 -22.32
C4 BMA B . -1.55 23.98 -22.42
C5 BMA B . -0.81 24.65 -21.23
C6 BMA B . -0.82 26.18 -21.23
O2 BMA B . -3.25 21.92 -20.68
O3 BMA B . -2.39 21.88 -23.27
O4 BMA B . -0.96 24.38 -23.64
O5 BMA B . -1.36 24.16 -20.01
O6 BMA B . -1.99 26.74 -21.79
C1 NAG C . -14.35 18.55 -2.69
C2 NAG C . -15.79 18.42 -3.24
C3 NAG C . -16.11 17.05 -3.89
C4 NAG C . -14.97 16.44 -4.71
C5 NAG C . -13.60 16.70 -4.05
C6 NAG C . -12.42 16.28 -4.93
C7 NAG C . -17.36 19.94 -2.12
C8 NAG C . -17.78 20.41 -0.75
N2 NAG C . -16.79 18.74 -2.21
O3 NAG C . -17.24 17.21 -4.73
O4 NAG C . -15.23 15.04 -4.92
O5 NAG C . -13.44 18.06 -3.67
O6 NAG C . -12.31 17.10 -6.09
O7 NAG C . -17.53 20.68 -3.10
C1 NAG C . -15.24 14.64 -6.33
C2 NAG C . -15.62 13.15 -6.51
C3 NAG C . -15.54 12.75 -8.00
C4 NAG C . -16.37 13.71 -8.87
C5 NAG C . -15.91 15.15 -8.57
C6 NAG C . -16.61 16.22 -9.42
C7 NAG C . -13.75 11.59 -5.75
C8 NAG C . -13.41 10.63 -4.63
N2 NAG C . -14.92 12.23 -5.59
O3 NAG C . -15.92 11.40 -8.22
O4 NAG C . -16.22 13.37 -10.24
O5 NAG C . -16.08 15.43 -7.19
O6 NAG C . -17.99 16.26 -9.11
O7 NAG C . -12.97 11.73 -6.69
C1 BMA C . -17.44 12.87 -10.85
C2 BMA C . -17.38 13.12 -12.36
C3 BMA C . -18.62 12.57 -13.07
C4 BMA C . -18.92 11.12 -12.64
C5 BMA C . -18.91 10.98 -11.11
C6 BMA C . -19.08 9.51 -10.70
O2 BMA C . -16.20 12.55 -12.89
O3 BMA C . -18.50 12.65 -14.48
O4 BMA C . -20.17 10.72 -13.18
O5 BMA C . -17.70 11.49 -10.57
O6 BMA C . -19.61 9.36 -9.39
C1 BMA C . -18.53 9.05 -8.48
C2 BMA C . -18.88 9.22 -6.99
C3 BMA C . -17.50 9.33 -6.31
C4 BMA C . -16.66 8.07 -6.60
C5 BMA C . -16.58 7.80 -8.12
C6 BMA C . -15.92 6.46 -8.47
O2 BMA C . -19.57 8.09 -6.48
O3 BMA C . -17.62 9.56 -4.93
O4 BMA C . -15.36 8.25 -6.05
O5 BMA C . -17.90 7.80 -8.67
O6 BMA C . -16.22 6.12 -9.80
C1 NAG C . -20.94 8.28 -6.07
C2 NAG C . -21.46 6.98 -5.43
C3 NAG C . -22.94 7.11 -5.07
C4 NAG C . -23.19 8.36 -4.20
C5 NAG C . -22.52 9.61 -4.83
C6 NAG C . -22.63 10.85 -3.92
C7 NAG C . -20.15 5.01 -6.13
C8 NAG C . -19.81 4.16 -7.32
N2 NAG C . -21.21 5.82 -6.27
O3 NAG C . -23.40 5.97 -4.37
O4 NAG C . -24.57 8.55 -4.02
O5 NAG C . -21.16 9.37 -5.17
O6 NAG C . -22.37 10.52 -2.57
O7 NAG C . -19.45 4.94 -5.11
C1 NAG D . -8.01 0.27 30.65
C2 NAG D . -6.99 -0.79 31.07
C3 NAG D . -5.59 -0.22 31.25
C4 NAG D . -5.12 0.51 29.97
C5 NAG D . -6.18 1.46 29.40
C6 NAG D . -6.03 1.48 27.89
C7 NAG D . -7.63 -2.70 32.49
C8 NAG D . -7.80 -3.17 33.90
N2 NAG D . -7.43 -1.39 32.33
O3 NAG D . -4.67 -1.27 31.48
O4 NAG D . -3.90 1.20 30.23
O5 NAG D . -7.54 1.11 29.61
O6 NAG D . -5.63 2.75 27.45
O7 NAG D . -7.66 -3.51 31.55
C1 NAG D . -2.89 1.11 29.17
C2 NAG D . -1.82 2.18 29.43
C3 NAG D . -0.62 2.09 28.47
C4 NAG D . -0.10 0.64 28.42
C5 NAG D . -1.27 -0.27 28.01
C6 NAG D . -0.87 -1.73 27.79
C7 NAG D . -2.48 4.30 30.47
C8 NAG D . -2.05 5.73 30.28
N2 NAG D . -2.43 3.51 29.40
O3 NAG D . 0.38 2.98 28.91
O4 NAG D . 1.15 0.36 27.74
O5 NAG D . -2.31 -0.18 28.99
O6 NAG D . -1.54 -2.55 28.71
O7 NAG D . -2.86 3.91 31.59
C1 BMA D . 1.60 1.23 26.67
C2 BMA D . 3.07 1.70 26.82
C3 BMA D . 4.10 0.65 26.32
C4 BMA D . 3.40 -0.57 25.72
C5 BMA D . 2.35 -0.07 24.71
C6 BMA D . 1.70 -1.18 23.89
O2 BMA D . 3.40 2.13 28.13
O3 BMA D . 5.01 0.28 27.34
O4 BMA D . 4.38 -1.41 25.13
O5 BMA D . 1.35 0.69 25.37
O6 BMA D . 1.37 -0.70 22.61
C1 FUC D . -4.17 -1.38 32.83
C2 FUC D . -3.35 -2.67 32.90
C3 FUC D . -2.03 -2.49 32.14
C4 FUC D . -1.25 -1.27 32.66
C5 FUC D . -2.16 -0.03 32.66
C6 FUC D . -1.49 1.23 33.22
O2 FUC D . -4.08 -3.71 32.29
O3 FUC D . -1.27 -3.67 32.25
O4 FUC D . -0.75 -1.52 33.96
O5 FUC D . -3.39 -0.29 33.33
C1 SOG E . 1.70 3.51 -9.81
C2 SOG E . 1.83 3.79 -8.29
C3 SOG E . 2.78 2.82 -7.57
C4 SOG E . 2.47 1.39 -7.98
C5 SOG E . 2.64 1.24 -9.50
C6 SOG E . 2.46 -0.21 -9.99
C1' SOG E . 0.63 4.98 -11.42
C2' SOG E . -0.71 5.30 -12.07
C3' SOG E . -0.69 6.61 -12.85
C4' SOG E . -1.90 6.77 -13.77
C5' SOG E . -1.92 5.76 -14.92
C6' SOG E . -3.33 5.53 -15.45
C7' SOG E . -3.56 4.07 -15.80
C8' SOG E . -4.99 3.79 -16.20
S1 SOG E . 0.48 4.07 -10.32
O2 SOG E . 2.35 5.12 -8.12
O3 SOG E . 2.71 2.97 -6.15
O4 SOG E . 3.35 0.51 -7.30
O5 SOG E . 1.69 2.10 -10.14
O6 SOG E . 1.09 -0.47 -10.32
#